data_1J38
#
_entry.id   1J38
#
_cell.length_a   94.912
_cell.length_b   121.223
_cell.length_c   94.740
_cell.angle_alpha   90.00
_cell.angle_beta   99.39
_cell.angle_gamma   90.00
#
_symmetry.space_group_name_H-M   'P 1 21 1'
#
loop_
_entity.id
_entity.type
_entity.pdbx_description
1 polymer 'angiotensin converting enzyme'
2 non-polymer 'ZINC ION'
3 water water
#
_entity_poly.entity_id   1
_entity_poly.type   'polypeptide(L)'
_entity_poly.pdbx_seq_one_letter_code
;VTQALVKEEIQAKEYLENLNKELAKRTNVETEAAWAYRSAITDENEKKKNEISAELAKFMKEVASDTTKFQWRSYQSEDL
KRQFKALTKLGYAALPEDDYAELLDTLSAMESNFAKVKVCDYKDSTKCDLALDPEIEEVISKSRDHEELAYYWREFYDKA
GTAVRSQFERYVELNTKAAKLNNFTSGAEAWLDEYEDDTFEQQLEDIFADIRPLYQQIHGYVRFRLRKHYGDAVVSETGP
IPMHLLGNMWAQQWSEIADIVSPFPEKPLVDVSAEMEKQAYTPLKMFQMGDDFFTSMNLTKLPQDFWDKSIIEKPTDGRD
LVCHASAWDFYLIDDVRIKQCTRVTQDQLFTVHHELGHIQYFLQYQHQPFVYRTGANPGFHEAVGDVLSLSVSTPKHLEK
IGLLKDYVRDDEARINQLFLTALDKIVFLPFAFTMDKYRWSLFRGEVDKANWNCAFWKLRDEYSGIEPPVVRSEKDFDAP
AKYHISADVEYLRYLVSFIIQFQFYKSACIKAGQYDPDNVELPLDNCDIYGSARAGAAFHNMLSMGASKPWPDALEAFNG
ERIMSGKAIAEYFEPLRVWLEAENIKNNVHIGWITSNKCVSSHHHHH
;
_entity_poly.pdbx_strand_id   A,B
#
loop_
_chem_comp.id
_chem_comp.type
_chem_comp.name
_chem_comp.formula
ZN non-polymer 'ZINC ION' 'Zn 2'
#
# COMPACT_ATOMS: atom_id res chain seq x y z
N ILE A 10 45.69 -31.13 -22.81
CA ILE A 10 45.16 -32.50 -22.49
C ILE A 10 43.65 -32.50 -22.68
N GLN A 11 43.21 -31.78 -23.71
CA GLN A 11 41.80 -31.63 -24.08
C GLN A 11 40.91 -32.83 -23.78
N ALA A 12 39.61 -32.54 -23.75
CA ALA A 12 38.57 -33.53 -23.52
C ALA A 12 37.41 -33.04 -24.37
N LYS A 13 37.61 -31.87 -24.97
CA LYS A 13 36.62 -31.25 -25.85
C LYS A 13 36.29 -32.22 -26.96
N GLU A 14 37.32 -32.79 -27.56
CA GLU A 14 37.12 -33.76 -28.64
C GLU A 14 36.29 -34.94 -28.14
N TYR A 15 36.51 -35.37 -26.90
CA TYR A 15 35.76 -36.47 -26.32
C TYR A 15 34.29 -36.12 -26.08
N LEU A 16 34.04 -34.92 -25.56
CA LEU A 16 32.67 -34.50 -25.31
C LEU A 16 31.91 -34.31 -26.61
N GLU A 17 32.59 -33.79 -27.62
CA GLU A 17 31.92 -33.59 -28.91
C GLU A 17 31.41 -34.93 -29.40
N ASN A 18 32.32 -35.90 -29.51
CA ASN A 18 31.95 -37.23 -29.99
C ASN A 18 30.87 -37.84 -29.10
N LEU A 19 31.02 -37.68 -27.80
CA LEU A 19 30.08 -38.23 -26.83
C LEU A 19 28.67 -37.66 -27.02
N ASN A 20 28.53 -36.34 -26.92
CA ASN A 20 27.20 -35.74 -27.07
C ASN A 20 26.55 -36.28 -28.35
N LYS A 21 27.31 -36.35 -29.43
CA LYS A 21 26.77 -36.85 -30.69
C LYS A 21 26.26 -38.26 -30.55
N GLU A 22 26.88 -39.05 -29.68
CA GLU A 22 26.43 -40.42 -29.51
C GLU A 22 25.20 -40.41 -28.59
N LEU A 23 25.25 -39.60 -27.54
CA LEU A 23 24.13 -39.48 -26.63
C LEU A 23 22.92 -39.05 -27.44
N ALA A 24 23.09 -38.00 -28.25
CA ALA A 24 22.00 -37.48 -29.08
C ALA A 24 21.47 -38.54 -30.02
N LYS A 25 22.37 -39.23 -30.70
CA LYS A 25 21.98 -40.30 -31.61
C LYS A 25 21.14 -41.33 -30.84
N ARG A 26 21.57 -41.64 -29.62
CA ARG A 26 20.89 -42.65 -28.80
C ARG A 26 19.63 -42.21 -28.10
N THR A 27 19.59 -40.96 -27.65
CA THR A 27 18.38 -40.53 -26.98
C THR A 27 17.28 -40.42 -28.05
N ASN A 28 17.67 -40.27 -29.31
CA ASN A 28 16.69 -40.19 -30.39
C ASN A 28 15.93 -41.51 -30.46
N VAL A 29 16.66 -42.62 -30.35
CA VAL A 29 16.02 -43.94 -30.38
C VAL A 29 15.10 -44.14 -29.19
N GLU A 30 15.47 -43.59 -28.04
CA GLU A 30 14.64 -43.71 -26.83
C GLU A 30 13.39 -42.86 -27.00
N THR A 31 13.57 -41.65 -27.51
CA THR A 31 12.44 -40.76 -27.74
C THR A 31 11.40 -41.39 -28.68
N GLU A 32 11.85 -42.03 -29.76
CA GLU A 32 10.92 -42.67 -30.70
C GLU A 32 10.05 -43.77 -30.06
N ALA A 33 10.58 -44.46 -29.06
CA ALA A 33 9.81 -45.51 -28.39
C ALA A 33 8.83 -44.85 -27.40
N ALA A 34 9.35 -43.88 -26.65
CA ALA A 34 8.51 -43.16 -25.70
C ALA A 34 7.36 -42.55 -26.46
N TRP A 35 7.65 -42.04 -27.67
CA TRP A 35 6.61 -41.43 -28.48
C TRP A 35 5.64 -42.45 -29.06
N ALA A 36 6.16 -43.56 -29.55
CA ALA A 36 5.31 -44.60 -30.12
C ALA A 36 4.39 -45.11 -29.03
N TYR A 37 4.93 -45.22 -27.82
CA TYR A 37 4.14 -45.72 -26.71
C TYR A 37 3.03 -44.77 -26.28
N ARG A 38 3.40 -43.53 -26.05
CA ARG A 38 2.45 -42.55 -25.62
C ARG A 38 1.41 -42.15 -26.69
N SER A 39 1.55 -42.72 -27.89
CA SER A 39 0.61 -42.46 -28.96
C SER A 39 -0.31 -43.68 -29.10
N ALA A 40 0.21 -44.84 -28.72
CA ALA A 40 -0.52 -46.11 -28.76
C ALA A 40 0.00 -46.91 -27.58
N ILE A 41 -0.81 -46.99 -26.52
CA ILE A 41 -0.41 -47.70 -25.31
C ILE A 41 -0.68 -49.19 -25.40
N THR A 42 0.33 -49.92 -25.85
CA THR A 42 0.28 -51.37 -25.99
C THR A 42 1.40 -51.91 -25.11
N ASP A 43 1.35 -53.20 -24.81
CA ASP A 43 2.39 -53.79 -23.99
C ASP A 43 3.71 -53.90 -24.74
N GLU A 44 3.61 -54.13 -26.05
CA GLU A 44 4.80 -54.26 -26.89
C GLU A 44 5.59 -52.97 -26.87
N ASN A 45 4.91 -51.86 -27.16
CA ASN A 45 5.56 -50.57 -27.16
C ASN A 45 6.13 -50.25 -25.79
N GLU A 46 5.44 -50.67 -24.74
CA GLU A 46 5.91 -50.39 -23.39
C GLU A 46 7.22 -51.14 -23.14
N LYS A 47 7.23 -52.40 -23.56
CA LYS A 47 8.37 -53.26 -23.39
C LYS A 47 9.57 -52.69 -24.16
N LYS A 48 9.36 -52.34 -25.41
CA LYS A 48 10.43 -51.78 -26.23
C LYS A 48 10.94 -50.49 -25.60
N LYS A 49 9.99 -49.64 -25.24
CA LYS A 49 10.27 -48.36 -24.62
C LYS A 49 11.22 -48.53 -23.45
N ASN A 50 10.80 -49.31 -22.46
CA ASN A 50 11.65 -49.53 -21.30
C ASN A 50 12.95 -50.23 -21.68
N GLU A 51 12.94 -50.94 -22.81
CA GLU A 51 14.12 -51.65 -23.26
C GLU A 51 15.22 -50.70 -23.75
N ILE A 52 14.81 -49.65 -24.47
CA ILE A 52 15.74 -48.66 -24.97
C ILE A 52 16.34 -47.94 -23.75
N SER A 53 15.46 -47.50 -22.85
CA SER A 53 15.90 -46.82 -21.64
C SER A 53 16.89 -47.67 -20.86
N ALA A 54 16.70 -48.99 -20.87
CA ALA A 54 17.59 -49.90 -20.15
C ALA A 54 18.98 -49.99 -20.82
N GLU A 55 19.01 -50.08 -22.15
CA GLU A 55 20.30 -50.15 -22.84
C GLU A 55 21.04 -48.86 -22.61
N LEU A 56 20.33 -47.75 -22.76
CA LEU A 56 20.93 -46.43 -22.57
C LEU A 56 21.52 -46.32 -21.17
N ALA A 57 20.77 -46.78 -20.18
CA ALA A 57 21.22 -46.73 -18.79
C ALA A 57 22.61 -47.37 -18.57
N LYS A 58 22.87 -48.46 -19.30
CA LYS A 58 24.17 -49.15 -19.18
C LYS A 58 25.24 -48.35 -19.90
N PHE A 59 24.86 -47.75 -21.02
CA PHE A 59 25.82 -46.97 -21.77
C PHE A 59 26.23 -45.78 -20.90
N MET A 60 25.26 -45.21 -20.19
CA MET A 60 25.53 -44.07 -19.30
C MET A 60 26.50 -44.45 -18.20
N LYS A 61 26.23 -45.58 -17.54
CA LYS A 61 27.09 -46.06 -16.47
C LYS A 61 28.47 -46.26 -17.06
N GLU A 62 28.53 -46.88 -18.23
CA GLU A 62 29.80 -47.16 -18.90
C GLU A 62 30.55 -45.91 -19.33
N VAL A 63 29.84 -44.80 -19.37
CA VAL A 63 30.42 -43.52 -19.74
C VAL A 63 30.72 -42.78 -18.45
N ALA A 64 30.01 -43.16 -17.39
CA ALA A 64 30.20 -42.54 -16.10
C ALA A 64 31.57 -42.95 -15.57
N SER A 65 32.00 -44.15 -15.93
CA SER A 65 33.29 -44.68 -15.48
C SER A 65 34.45 -44.29 -16.39
N ASP A 66 34.14 -43.88 -17.62
CA ASP A 66 35.20 -43.47 -18.56
C ASP A 66 35.74 -42.10 -18.16
N THR A 67 34.86 -41.24 -17.67
CA THR A 67 35.27 -39.90 -17.27
C THR A 67 36.28 -39.93 -16.13
N THR A 68 36.51 -41.12 -15.56
CA THR A 68 37.49 -41.24 -14.48
C THR A 68 38.83 -40.90 -15.13
N LYS A 69 38.90 -41.20 -16.43
CA LYS A 69 40.09 -40.92 -17.22
C LYS A 69 40.37 -39.42 -17.18
N PHE A 70 39.54 -38.66 -17.89
CA PHE A 70 39.65 -37.21 -17.96
C PHE A 70 39.33 -36.59 -16.61
N GLN A 71 40.33 -36.01 -15.95
CA GLN A 71 40.11 -35.40 -14.64
C GLN A 71 39.67 -33.94 -14.78
N TRP A 72 38.39 -33.75 -15.12
CA TRP A 72 37.81 -32.43 -15.32
C TRP A 72 37.73 -31.54 -14.07
N ARG A 73 37.60 -32.15 -12.90
CA ARG A 73 37.52 -31.40 -11.65
C ARG A 73 38.74 -30.55 -11.40
N SER A 74 39.39 -30.07 -12.46
CA SER A 74 40.57 -29.23 -12.34
C SER A 74 40.98 -28.67 -13.70
N TYR A 75 40.06 -28.75 -14.66
CA TYR A 75 40.33 -28.27 -16.01
C TYR A 75 40.40 -26.75 -16.14
N GLN A 76 40.59 -26.29 -17.38
CA GLN A 76 40.70 -24.86 -17.67
C GLN A 76 39.34 -24.21 -18.00
N SER A 77 38.96 -24.26 -19.27
CA SER A 77 37.69 -23.68 -19.73
C SER A 77 36.53 -24.39 -19.04
N GLU A 78 35.70 -23.65 -18.32
CA GLU A 78 34.60 -24.30 -17.63
C GLU A 78 33.37 -24.59 -18.46
N ASP A 79 33.39 -24.21 -19.73
CA ASP A 79 32.26 -24.55 -20.59
C ASP A 79 32.36 -26.06 -20.71
N LEU A 80 33.59 -26.52 -20.94
CA LEU A 80 33.92 -27.95 -21.07
C LEU A 80 33.77 -28.64 -19.72
N LYS A 81 34.19 -27.98 -18.65
CA LYS A 81 34.10 -28.55 -17.32
C LYS A 81 32.66 -28.58 -16.81
N ARG A 82 31.82 -27.77 -17.43
CA ARG A 82 30.40 -27.71 -17.06
C ARG A 82 29.73 -28.97 -17.62
N GLN A 83 30.14 -29.34 -18.84
CA GLN A 83 29.60 -30.52 -19.52
C GLN A 83 29.89 -31.80 -18.75
N PHE A 84 31.09 -31.90 -18.18
CA PHE A 84 31.45 -33.09 -17.42
C PHE A 84 30.66 -33.26 -16.14
N LYS A 85 30.54 -32.20 -15.37
CA LYS A 85 29.75 -32.28 -14.14
C LYS A 85 28.33 -32.67 -14.53
N ALA A 86 27.91 -32.24 -15.72
CA ALA A 86 26.57 -32.49 -16.21
C ALA A 86 26.32 -33.94 -16.62
N LEU A 87 27.22 -34.51 -17.41
CA LEU A 87 27.06 -35.89 -17.87
C LEU A 87 27.41 -36.91 -16.79
N THR A 88 28.42 -36.60 -15.96
CA THR A 88 28.80 -37.54 -14.90
C THR A 88 27.62 -37.70 -13.97
N LYS A 89 26.77 -36.68 -13.90
CA LYS A 89 25.61 -36.72 -13.05
C LYS A 89 24.57 -37.63 -13.66
N LEU A 90 24.54 -38.86 -13.19
CA LEU A 90 23.58 -39.81 -13.68
C LEU A 90 22.31 -39.60 -12.86
N GLY A 91 21.18 -40.05 -13.38
CA GLY A 91 19.94 -39.91 -12.65
C GLY A 91 19.61 -41.29 -12.12
N TYR A 92 18.50 -41.84 -12.57
CA TYR A 92 18.10 -43.17 -12.15
C TYR A 92 19.06 -44.24 -12.69
N ALA A 93 20.03 -43.80 -13.49
CA ALA A 93 20.98 -44.72 -14.08
C ALA A 93 22.06 -45.16 -13.09
N ALA A 94 22.29 -44.38 -12.04
CA ALA A 94 23.28 -44.75 -11.05
C ALA A 94 22.76 -46.00 -10.33
N LEU A 95 21.47 -46.26 -10.51
CA LEU A 95 20.77 -47.39 -9.91
C LEU A 95 21.24 -48.73 -10.49
N PRO A 96 21.39 -49.76 -9.64
CA PRO A 96 21.83 -51.03 -10.22
C PRO A 96 20.78 -51.60 -11.16
N GLU A 97 21.25 -52.30 -12.19
CA GLU A 97 20.41 -52.88 -13.23
C GLU A 97 19.07 -53.48 -12.80
N ASP A 98 19.05 -54.28 -11.74
CA ASP A 98 17.80 -54.88 -11.28
C ASP A 98 16.77 -53.80 -10.87
N ASP A 99 17.19 -52.86 -10.03
CA ASP A 99 16.29 -51.79 -9.58
C ASP A 99 15.77 -50.97 -10.77
N TYR A 100 16.69 -50.50 -11.61
CA TYR A 100 16.34 -49.68 -12.76
C TYR A 100 15.20 -50.25 -13.61
N ALA A 101 15.26 -51.54 -13.91
CA ALA A 101 14.20 -52.15 -14.70
C ALA A 101 12.95 -52.17 -13.84
N GLU A 102 13.12 -52.31 -12.53
CA GLU A 102 11.97 -52.34 -11.65
C GLU A 102 11.40 -50.93 -11.53
N LEU A 103 12.25 -49.92 -11.70
CA LEU A 103 11.75 -48.54 -11.62
C LEU A 103 10.98 -48.28 -12.90
N LEU A 104 11.61 -48.56 -14.03
CA LEU A 104 10.97 -48.38 -15.34
C LEU A 104 9.59 -49.00 -15.27
N ASP A 105 9.51 -50.10 -14.54
CA ASP A 105 8.27 -50.83 -14.39
C ASP A 105 7.24 -50.17 -13.48
N THR A 106 7.53 -50.05 -12.19
CA THR A 106 6.56 -49.45 -11.29
C THR A 106 6.12 -48.10 -11.88
N LEU A 107 7.05 -47.45 -12.56
CA LEU A 107 6.79 -46.16 -13.22
C LEU A 107 5.79 -46.44 -14.35
N SER A 108 6.10 -47.43 -15.20
CA SER A 108 5.20 -47.78 -16.30
C SER A 108 3.82 -48.12 -15.81
N ALA A 109 3.76 -48.73 -14.64
CA ALA A 109 2.48 -49.11 -14.08
C ALA A 109 1.60 -47.92 -13.72
N MET A 110 2.21 -46.86 -13.19
CA MET A 110 1.48 -45.65 -12.78
C MET A 110 0.99 -44.87 -14.01
N GLU A 111 1.90 -44.66 -14.95
CA GLU A 111 1.64 -43.92 -16.17
C GLU A 111 0.48 -44.49 -16.96
N SER A 112 0.52 -45.80 -17.19
CA SER A 112 -0.54 -46.47 -17.92
C SER A 112 -1.81 -46.50 -17.10
N ASN A 113 -1.68 -46.71 -15.79
CA ASN A 113 -2.89 -46.72 -14.96
C ASN A 113 -3.63 -45.42 -15.14
N PHE A 114 -2.90 -44.31 -15.05
CA PHE A 114 -3.51 -42.98 -15.18
C PHE A 114 -4.22 -42.81 -16.51
N ALA A 115 -3.49 -43.05 -17.61
CA ALA A 115 -4.05 -42.93 -18.94
C ALA A 115 -5.21 -43.87 -19.28
N LYS A 116 -5.33 -45.00 -18.59
CA LYS A 116 -6.42 -45.93 -18.93
C LYS A 116 -7.68 -45.77 -18.10
N VAL A 117 -7.70 -44.79 -17.21
CA VAL A 117 -8.88 -44.58 -16.36
C VAL A 117 -10.13 -44.34 -17.19
N LYS A 118 -11.22 -44.91 -16.73
CA LYS A 118 -12.53 -44.80 -17.38
C LYS A 118 -13.58 -44.88 -16.26
N VAL A 119 -14.64 -44.08 -16.38
CA VAL A 119 -15.72 -44.10 -15.38
C VAL A 119 -17.05 -44.08 -16.13
N CYS A 120 -18.15 -44.43 -15.48
CA CYS A 120 -19.47 -44.45 -16.15
C CYS A 120 -20.29 -43.17 -15.92
N ASP A 121 -21.06 -42.69 -16.90
CA ASP A 121 -21.87 -41.48 -16.69
C ASP A 121 -22.67 -41.65 -15.43
N TYR A 122 -22.76 -40.55 -14.69
CA TYR A 122 -23.51 -40.48 -13.46
C TYR A 122 -24.98 -40.74 -13.83
N LYS A 123 -25.29 -40.57 -15.12
CA LYS A 123 -26.65 -40.77 -15.64
C LYS A 123 -26.83 -41.97 -16.56
N ASP A 124 -25.83 -42.86 -16.65
CA ASP A 124 -25.93 -44.07 -17.48
C ASP A 124 -24.87 -45.10 -17.07
N SER A 125 -25.19 -45.92 -16.07
CA SER A 125 -24.25 -46.93 -15.59
C SER A 125 -23.86 -47.96 -16.68
N THR A 126 -24.34 -47.71 -17.89
CA THR A 126 -24.07 -48.59 -19.02
C THR A 126 -22.84 -48.16 -19.86
N LYS A 127 -22.60 -46.85 -19.93
CA LYS A 127 -21.49 -46.33 -20.73
C LYS A 127 -20.06 -46.65 -20.28
N CYS A 128 -19.74 -46.34 -19.04
CA CYS A 128 -18.41 -46.63 -18.52
C CYS A 128 -17.22 -46.48 -19.48
N ASP A 129 -17.26 -45.51 -20.40
CA ASP A 129 -16.13 -45.35 -21.30
C ASP A 129 -15.64 -43.91 -21.41
N LEU A 130 -16.08 -43.05 -20.48
CA LEU A 130 -15.67 -41.64 -20.47
C LEU A 130 -14.25 -41.56 -19.92
N ALA A 131 -13.40 -40.76 -20.54
CA ALA A 131 -12.03 -40.65 -20.08
C ALA A 131 -11.82 -39.28 -19.45
N LEU A 132 -10.63 -39.05 -18.90
CA LEU A 132 -10.34 -37.78 -18.28
C LEU A 132 -10.22 -36.64 -19.29
N ASP A 133 -9.91 -36.96 -20.54
CA ASP A 133 -9.75 -35.87 -21.50
C ASP A 133 -11.06 -35.34 -22.02
N PRO A 134 -11.72 -36.06 -22.92
CA PRO A 134 -12.95 -35.37 -23.29
C PRO A 134 -13.99 -35.29 -22.17
N GLU A 135 -14.84 -36.30 -22.09
CA GLU A 135 -15.93 -36.35 -21.14
C GLU A 135 -15.75 -35.81 -19.73
N ILE A 136 -15.04 -36.53 -18.86
CA ILE A 136 -14.89 -36.10 -17.47
C ILE A 136 -14.43 -34.66 -17.23
N GLU A 137 -13.36 -34.21 -17.87
CA GLU A 137 -12.92 -32.84 -17.66
C GLU A 137 -13.94 -31.85 -18.20
N GLU A 138 -14.81 -32.30 -19.10
CA GLU A 138 -15.85 -31.44 -19.67
C GLU A 138 -16.92 -31.23 -18.61
N VAL A 139 -17.22 -32.29 -17.87
CA VAL A 139 -18.23 -32.25 -16.82
C VAL A 139 -17.81 -31.35 -15.65
N ILE A 140 -16.63 -31.64 -15.08
CA ILE A 140 -16.14 -30.86 -13.95
C ILE A 140 -16.01 -29.38 -14.29
N SER A 141 -16.17 -29.03 -15.56
CA SER A 141 -16.01 -27.66 -16.00
C SER A 141 -17.30 -26.95 -16.43
N LYS A 142 -18.33 -27.72 -16.75
CA LYS A 142 -19.59 -27.11 -17.16
C LYS A 142 -20.75 -27.40 -16.21
N SER A 143 -20.65 -28.48 -15.45
CA SER A 143 -21.70 -28.87 -14.51
C SER A 143 -21.73 -28.02 -13.24
N ARG A 144 -22.93 -27.72 -12.77
CA ARG A 144 -23.12 -26.92 -11.55
C ARG A 144 -24.00 -27.71 -10.59
N ASP A 145 -23.85 -29.03 -10.66
CA ASP A 145 -24.57 -29.95 -9.79
C ASP A 145 -23.45 -30.46 -8.89
N HIS A 146 -23.44 -30.02 -7.64
CA HIS A 146 -22.40 -30.43 -6.72
C HIS A 146 -22.37 -31.96 -6.53
N GLU A 147 -23.54 -32.60 -6.54
CA GLU A 147 -23.63 -34.05 -6.37
C GLU A 147 -22.96 -34.79 -7.53
N GLU A 148 -23.26 -34.35 -8.75
CA GLU A 148 -22.66 -34.93 -9.95
C GLU A 148 -21.15 -34.68 -9.99
N LEU A 149 -20.74 -33.46 -9.64
CA LEU A 149 -19.32 -33.11 -9.65
C LEU A 149 -18.59 -34.00 -8.68
N ALA A 150 -19.17 -34.19 -7.49
CA ALA A 150 -18.56 -35.04 -6.48
C ALA A 150 -18.44 -36.45 -7.07
N TYR A 151 -19.50 -36.90 -7.72
CA TYR A 151 -19.48 -38.23 -8.33
C TYR A 151 -18.24 -38.45 -9.15
N TYR A 152 -18.00 -37.53 -10.09
CA TYR A 152 -16.85 -37.63 -10.96
C TYR A 152 -15.54 -37.50 -10.24
N TRP A 153 -15.55 -36.81 -9.11
CA TRP A 153 -14.33 -36.64 -8.32
C TRP A 153 -14.01 -37.96 -7.63
N ARG A 154 -14.97 -38.47 -6.89
CA ARG A 154 -14.79 -39.72 -6.18
C ARG A 154 -14.33 -40.84 -7.14
N GLU A 155 -15.01 -40.97 -8.27
CA GLU A 155 -14.68 -42.01 -9.25
C GLU A 155 -13.29 -41.87 -9.85
N PHE A 156 -12.90 -40.65 -10.22
CA PHE A 156 -11.58 -40.47 -10.79
C PHE A 156 -10.46 -40.67 -9.79
N TYR A 157 -10.61 -40.13 -8.58
CA TYR A 157 -9.55 -40.30 -7.57
C TYR A 157 -9.31 -41.75 -7.13
N ASP A 158 -10.38 -42.52 -6.95
CA ASP A 158 -10.23 -43.92 -6.56
C ASP A 158 -9.43 -44.74 -7.59
N LYS A 159 -9.63 -44.44 -8.87
CA LYS A 159 -8.97 -45.16 -9.96
C LYS A 159 -7.56 -44.68 -10.29
N ALA A 160 -7.39 -43.37 -10.45
CA ALA A 160 -6.12 -42.76 -10.79
C ALA A 160 -5.16 -42.60 -9.62
N GLY A 161 -5.71 -42.51 -8.41
CA GLY A 161 -4.86 -42.35 -7.24
C GLY A 161 -4.69 -43.67 -6.51
N THR A 162 -5.68 -44.00 -5.70
CA THR A 162 -5.67 -45.19 -4.89
C THR A 162 -5.12 -46.44 -5.55
N ALA A 163 -5.60 -46.75 -6.74
CA ALA A 163 -5.17 -47.96 -7.45
C ALA A 163 -3.67 -48.14 -7.59
N VAL A 164 -2.90 -47.09 -7.32
CA VAL A 164 -1.47 -47.21 -7.49
C VAL A 164 -0.54 -46.82 -6.30
N ARG A 165 -0.99 -47.03 -5.06
CA ARG A 165 -0.14 -46.70 -3.92
C ARG A 165 1.14 -47.55 -3.83
N SER A 166 1.05 -48.81 -4.24
CA SER A 166 2.17 -49.75 -4.23
C SER A 166 3.29 -49.27 -5.12
N GLN A 167 2.97 -49.04 -6.39
CA GLN A 167 3.95 -48.56 -7.35
C GLN A 167 4.58 -47.31 -6.78
N PHE A 168 3.72 -46.35 -6.45
CA PHE A 168 4.18 -45.09 -5.92
C PHE A 168 5.14 -45.25 -4.74
N GLU A 169 4.85 -46.18 -3.82
CA GLU A 169 5.70 -46.38 -2.66
C GLU A 169 7.09 -46.91 -3.04
N ARG A 170 7.12 -47.92 -3.91
CA ARG A 170 8.38 -48.52 -4.36
C ARG A 170 9.20 -47.47 -5.12
N TYR A 171 8.49 -46.56 -5.78
CA TYR A 171 9.11 -45.48 -6.55
C TYR A 171 9.86 -44.56 -5.61
N VAL A 172 9.15 -44.06 -4.61
CA VAL A 172 9.78 -43.18 -3.64
C VAL A 172 11.04 -43.83 -3.05
N GLU A 173 10.96 -45.13 -2.72
CA GLU A 173 12.09 -45.84 -2.15
C GLU A 173 13.24 -45.96 -3.14
N LEU A 174 12.90 -46.11 -4.41
CA LEU A 174 13.91 -46.23 -5.44
C LEU A 174 14.41 -44.85 -5.81
N ASN A 175 13.48 -43.93 -5.97
CA ASN A 175 13.84 -42.57 -6.31
C ASN A 175 14.87 -42.07 -5.30
N THR A 176 14.65 -42.40 -4.02
CA THR A 176 15.58 -41.98 -2.98
C THR A 176 16.93 -42.70 -3.11
N LYS A 177 16.89 -43.99 -3.44
CA LYS A 177 18.10 -44.77 -3.57
C LYS A 177 18.98 -44.21 -4.66
N ALA A 178 18.38 -43.94 -5.81
CA ALA A 178 19.12 -43.38 -6.95
C ALA A 178 19.68 -42.01 -6.60
N ALA A 179 19.04 -41.31 -5.66
CA ALA A 179 19.50 -39.98 -5.26
C ALA A 179 20.81 -40.06 -4.51
N LYS A 180 20.87 -40.94 -3.52
CA LYS A 180 22.06 -41.12 -2.70
C LYS A 180 23.21 -41.72 -3.51
N LEU A 181 22.90 -42.40 -4.60
CA LEU A 181 23.95 -42.99 -5.43
C LEU A 181 24.65 -41.91 -6.25
N ASN A 182 24.00 -40.75 -6.36
CA ASN A 182 24.57 -39.63 -7.11
C ASN A 182 25.04 -38.52 -6.16
N ASN A 183 25.08 -38.85 -4.87
CA ASN A 183 25.51 -37.93 -3.81
C ASN A 183 24.48 -36.89 -3.35
N PHE A 184 23.20 -37.09 -3.64
CA PHE A 184 22.16 -36.16 -3.20
C PHE A 184 21.54 -36.69 -1.90
N THR A 185 21.10 -35.77 -1.06
CA THR A 185 20.48 -36.10 0.23
C THR A 185 19.24 -36.95 0.05
N SER A 186 18.56 -36.73 -1.08
CA SER A 186 17.34 -37.45 -1.45
C SER A 186 16.89 -36.84 -2.76
N GLY A 187 15.97 -37.54 -3.44
CA GLY A 187 15.46 -37.03 -4.69
C GLY A 187 15.01 -35.58 -4.58
N ALA A 188 14.64 -35.18 -3.36
CA ALA A 188 14.19 -33.82 -3.12
C ALA A 188 15.24 -32.80 -3.48
N GLU A 189 16.47 -32.99 -2.99
CA GLU A 189 17.54 -32.04 -3.29
C GLU A 189 18.08 -32.31 -4.69
N ALA A 190 17.75 -33.49 -5.21
CA ALA A 190 18.16 -33.89 -6.55
C ALA A 190 17.50 -32.97 -7.58
N TRP A 191 16.18 -32.82 -7.46
CA TRP A 191 15.44 -31.94 -8.36
C TRP A 191 15.91 -30.51 -8.18
N LEU A 192 16.09 -30.08 -6.94
CA LEU A 192 16.54 -28.71 -6.68
C LEU A 192 17.91 -28.39 -7.33
N ASP A 193 18.78 -29.38 -7.48
CA ASP A 193 20.06 -29.13 -8.10
C ASP A 193 19.87 -28.50 -9.47
N GLU A 194 18.72 -28.78 -10.11
CA GLU A 194 18.40 -28.25 -11.45
C GLU A 194 18.32 -26.71 -11.51
N TYR A 195 18.07 -26.08 -10.37
CA TYR A 195 17.99 -24.63 -10.32
C TYR A 195 19.34 -24.01 -9.95
N GLU A 196 20.30 -24.87 -9.65
CA GLU A 196 21.66 -24.46 -9.29
C GLU A 196 21.69 -23.23 -8.36
N ASP A 197 21.10 -23.34 -7.18
CA ASP A 197 21.10 -22.24 -6.21
C ASP A 197 20.68 -22.79 -4.84
N ASP A 198 21.63 -22.89 -3.91
CA ASP A 198 21.34 -23.44 -2.59
C ASP A 198 20.27 -22.75 -1.75
N THR A 199 19.76 -21.60 -2.21
CA THR A 199 18.70 -20.91 -1.46
C THR A 199 17.45 -20.71 -2.33
N PHE A 200 17.25 -21.60 -3.30
CA PHE A 200 16.10 -21.53 -4.20
C PHE A 200 14.77 -21.80 -3.50
N GLU A 201 14.77 -22.77 -2.60
CA GLU A 201 13.55 -23.10 -1.88
C GLU A 201 13.11 -21.94 -1.00
N GLN A 202 14.07 -21.21 -0.45
CA GLN A 202 13.75 -20.06 0.40
C GLN A 202 13.31 -18.88 -0.47
N GLN A 203 13.91 -18.73 -1.65
CA GLN A 203 13.53 -17.67 -2.56
C GLN A 203 12.08 -17.88 -2.94
N LEU A 204 11.73 -19.14 -3.20
CA LEU A 204 10.39 -19.50 -3.58
C LEU A 204 9.41 -19.41 -2.41
N GLU A 205 9.93 -19.43 -1.21
CA GLU A 205 9.09 -19.33 -0.02
C GLU A 205 8.75 -17.84 0.24
N ASP A 206 9.72 -16.96 -0.03
CA ASP A 206 9.53 -15.54 0.17
C ASP A 206 8.53 -14.92 -0.79
N ILE A 207 8.60 -15.30 -2.05
CA ILE A 207 7.66 -14.77 -3.04
C ILE A 207 6.25 -15.25 -2.73
N PHE A 208 6.09 -16.52 -2.40
CA PHE A 208 4.76 -17.02 -2.10
C PHE A 208 4.23 -16.22 -0.92
N ALA A 209 5.08 -16.00 0.07
CA ALA A 209 4.69 -15.24 1.24
C ALA A 209 4.16 -13.87 0.84
N ASP A 210 4.79 -13.25 -0.16
CA ASP A 210 4.39 -11.92 -0.65
C ASP A 210 3.07 -11.88 -1.43
N ILE A 211 2.75 -12.96 -2.13
CA ILE A 211 1.52 -12.98 -2.91
C ILE A 211 0.39 -13.67 -2.16
N ARG A 212 0.73 -14.41 -1.11
CA ARG A 212 -0.26 -15.13 -0.30
C ARG A 212 -1.43 -14.23 0.07
N PRO A 213 -1.14 -13.03 0.60
CA PRO A 213 -2.24 -12.12 0.96
C PRO A 213 -3.14 -11.90 -0.26
N LEU A 214 -2.53 -11.76 -1.43
CA LEU A 214 -3.30 -11.57 -2.63
C LEU A 214 -4.13 -12.84 -2.87
N TYR A 215 -3.54 -14.01 -2.69
CA TYR A 215 -4.27 -15.23 -2.94
C TYR A 215 -5.58 -15.35 -2.15
N GLN A 216 -5.57 -14.93 -0.90
CA GLN A 216 -6.76 -15.02 -0.05
C GLN A 216 -7.83 -13.97 -0.29
N GLN A 217 -7.49 -12.93 -1.04
CA GLN A 217 -8.45 -11.89 -1.36
C GLN A 217 -9.26 -12.39 -2.55
N ILE A 218 -8.78 -13.48 -3.13
CA ILE A 218 -9.41 -14.13 -4.26
C ILE A 218 -10.16 -15.33 -3.70
N HIS A 219 -9.47 -16.07 -2.84
CA HIS A 219 -10.01 -17.26 -2.19
C HIS A 219 -11.31 -16.95 -1.47
N GLY A 220 -11.23 -16.11 -0.43
CA GLY A 220 -12.41 -15.75 0.33
C GLY A 220 -13.54 -15.25 -0.55
N TYR A 221 -13.18 -14.48 -1.58
CA TYR A 221 -14.18 -13.94 -2.50
C TYR A 221 -14.84 -15.06 -3.31
N VAL A 222 -14.01 -15.96 -3.82
CA VAL A 222 -14.50 -17.08 -4.61
C VAL A 222 -15.37 -17.97 -3.71
N ARG A 223 -15.09 -17.93 -2.42
CA ARG A 223 -15.85 -18.69 -1.44
C ARG A 223 -17.15 -17.97 -1.10
N PHE A 224 -17.18 -16.67 -1.37
CA PHE A 224 -18.35 -15.84 -1.11
C PHE A 224 -19.45 -16.02 -2.15
N ARG A 225 -19.06 -16.34 -3.38
CA ARG A 225 -20.02 -16.52 -4.47
C ARG A 225 -20.54 -17.96 -4.55
N LEU A 226 -19.63 -18.91 -4.35
CA LEU A 226 -19.98 -20.34 -4.38
C LEU A 226 -21.06 -20.66 -3.34
N ARG A 227 -20.84 -20.19 -2.11
CA ARG A 227 -21.79 -20.39 -1.03
C ARG A 227 -23.08 -19.62 -1.30
N LYS A 228 -22.99 -18.57 -2.11
CA LYS A 228 -24.14 -17.77 -2.47
C LYS A 228 -24.83 -18.52 -3.62
N HIS A 229 -24.03 -19.09 -4.50
CA HIS A 229 -24.56 -19.83 -5.63
C HIS A 229 -25.06 -21.25 -5.27
N TYR A 230 -24.15 -22.09 -4.76
CA TYR A 230 -24.48 -23.45 -4.39
C TYR A 230 -25.27 -23.57 -3.09
N GLY A 231 -25.03 -22.66 -2.15
CA GLY A 231 -25.79 -22.73 -0.92
C GLY A 231 -25.02 -23.00 0.36
N ASP A 232 -25.55 -22.49 1.47
CA ASP A 232 -24.95 -22.68 2.79
C ASP A 232 -24.57 -24.13 3.10
N ALA A 233 -25.51 -25.04 2.95
CA ALA A 233 -25.27 -26.44 3.26
C ALA A 233 -24.13 -27.06 2.45
N VAL A 234 -23.93 -26.57 1.22
CA VAL A 234 -22.89 -27.07 0.34
C VAL A 234 -21.52 -26.44 0.60
N VAL A 235 -21.44 -25.12 0.49
CA VAL A 235 -20.19 -24.39 0.71
C VAL A 235 -20.33 -23.61 2.01
N SER A 236 -19.46 -23.85 2.97
CA SER A 236 -19.58 -23.14 4.24
C SER A 236 -18.69 -21.90 4.27
N GLU A 237 -18.96 -20.98 5.18
CA GLU A 237 -18.13 -19.79 5.32
C GLU A 237 -16.98 -20.15 6.28
N THR A 238 -15.80 -19.58 6.06
CA THR A 238 -14.64 -19.86 6.94
C THR A 238 -14.07 -21.27 6.79
N GLY A 239 -14.79 -22.15 6.10
CA GLY A 239 -14.29 -23.50 5.89
C GLY A 239 -13.52 -23.60 4.57
N PRO A 240 -12.65 -24.61 4.37
CA PRO A 240 -11.92 -24.67 3.10
C PRO A 240 -12.91 -24.92 1.95
N ILE A 241 -12.63 -24.38 0.78
CA ILE A 241 -13.54 -24.57 -0.34
C ILE A 241 -13.63 -26.00 -0.87
N PRO A 242 -14.84 -26.57 -0.91
CA PRO A 242 -14.94 -27.95 -1.43
C PRO A 242 -14.45 -27.94 -2.90
N MET A 243 -13.25 -28.48 -3.15
CA MET A 243 -12.75 -28.53 -4.53
C MET A 243 -13.82 -29.34 -5.25
N HIS A 244 -13.91 -29.21 -6.57
CA HIS A 244 -14.93 -29.92 -7.37
C HIS A 244 -16.06 -28.96 -7.67
N LEU A 245 -15.96 -27.78 -7.07
CA LEU A 245 -16.91 -26.71 -7.28
C LEU A 245 -16.05 -25.64 -7.93
N LEU A 246 -14.73 -25.91 -7.94
CA LEU A 246 -13.74 -25.01 -8.52
C LEU A 246 -13.48 -25.21 -9.99
N GLY A 247 -14.28 -26.08 -10.61
CA GLY A 247 -14.16 -26.34 -12.04
C GLY A 247 -12.96 -27.09 -12.56
N ASN A 248 -12.04 -27.44 -11.68
CA ASN A 248 -10.86 -28.16 -12.12
C ASN A 248 -10.65 -29.34 -11.18
N MET A 249 -10.56 -30.53 -11.75
CA MET A 249 -10.37 -31.78 -11.02
C MET A 249 -9.36 -31.66 -9.87
N TRP A 250 -8.31 -30.89 -10.09
CA TRP A 250 -7.26 -30.69 -9.09
C TRP A 250 -7.36 -29.26 -8.50
N ALA A 251 -8.38 -28.52 -8.91
CA ALA A 251 -8.58 -27.15 -8.44
C ALA A 251 -7.30 -26.31 -8.58
N GLN A 252 -6.40 -26.72 -9.44
CA GLN A 252 -5.17 -25.98 -9.65
C GLN A 252 -5.47 -24.64 -10.36
N GLN A 253 -6.58 -24.59 -11.10
CA GLN A 253 -7.01 -23.36 -11.80
C GLN A 253 -8.54 -23.26 -11.79
N TRP A 254 -9.06 -22.08 -11.46
CA TRP A 254 -10.50 -21.89 -11.34
C TRP A 254 -11.22 -21.12 -12.45
N SER A 255 -10.51 -20.61 -13.44
CA SER A 255 -11.15 -19.82 -14.49
C SER A 255 -12.40 -20.45 -15.07
N GLU A 256 -12.46 -21.78 -15.07
CA GLU A 256 -13.60 -22.50 -15.59
C GLU A 256 -14.93 -22.17 -14.91
N ILE A 257 -14.88 -21.54 -13.74
CA ILE A 257 -16.13 -21.18 -13.07
C ILE A 257 -16.20 -19.67 -12.93
N ALA A 258 -16.03 -18.96 -14.03
CA ALA A 258 -16.10 -17.50 -14.00
C ALA A 258 -17.50 -17.03 -14.32
N ASP A 259 -18.34 -17.94 -14.79
CA ASP A 259 -19.73 -17.58 -15.12
C ASP A 259 -20.55 -17.42 -13.86
N ILE A 260 -20.08 -17.97 -12.75
CA ILE A 260 -20.82 -17.83 -11.51
C ILE A 260 -19.99 -17.19 -10.41
N VAL A 261 -18.78 -16.74 -10.76
CA VAL A 261 -17.87 -16.15 -9.80
C VAL A 261 -17.26 -14.79 -10.16
N SER A 262 -17.46 -14.31 -11.37
CA SER A 262 -16.88 -13.04 -11.79
C SER A 262 -17.52 -11.79 -11.18
N PRO A 263 -16.69 -10.78 -10.84
CA PRO A 263 -16.99 -9.48 -10.24
C PRO A 263 -18.18 -8.73 -10.85
N PHE A 264 -18.32 -8.80 -12.16
CA PHE A 264 -19.40 -8.12 -12.85
C PHE A 264 -19.99 -9.01 -13.92
N PRO A 265 -21.02 -9.80 -13.57
CA PRO A 265 -21.66 -10.70 -14.51
C PRO A 265 -22.37 -9.95 -15.65
N GLU A 266 -22.78 -8.70 -15.37
CA GLU A 266 -23.48 -7.88 -16.38
C GLU A 266 -22.53 -7.39 -17.47
N LYS A 267 -21.28 -7.14 -17.09
CA LYS A 267 -20.28 -6.68 -18.04
C LYS A 267 -19.64 -7.91 -18.68
N PRO A 268 -18.90 -7.71 -19.77
CA PRO A 268 -18.25 -8.83 -20.49
C PRO A 268 -17.22 -9.70 -19.73
N LEU A 269 -17.24 -10.98 -20.05
CA LEU A 269 -16.34 -11.98 -19.49
C LEU A 269 -15.68 -12.68 -20.67
N VAL A 270 -14.49 -12.24 -21.04
CA VAL A 270 -13.79 -12.82 -22.18
C VAL A 270 -13.75 -14.36 -22.14
N ASP A 271 -14.60 -14.98 -22.96
CA ASP A 271 -14.69 -16.44 -23.08
C ASP A 271 -14.86 -16.74 -24.58
N VAL A 272 -13.78 -16.53 -25.31
CA VAL A 272 -13.74 -16.71 -26.76
C VAL A 272 -14.09 -18.11 -27.28
N SER A 273 -14.33 -19.06 -26.39
CA SER A 273 -14.64 -20.42 -26.83
C SER A 273 -15.75 -20.47 -27.89
N ALA A 274 -16.92 -19.94 -27.55
CA ALA A 274 -18.06 -19.97 -28.49
C ALA A 274 -17.79 -19.39 -29.88
N GLU A 275 -17.05 -18.28 -29.95
CA GLU A 275 -16.73 -17.64 -31.23
C GLU A 275 -15.79 -18.47 -32.09
N MET A 276 -14.81 -19.09 -31.46
CA MET A 276 -13.88 -19.93 -32.20
C MET A 276 -14.71 -20.99 -32.89
N GLU A 277 -15.61 -21.59 -32.11
CA GLU A 277 -16.49 -22.66 -32.60
C GLU A 277 -17.39 -22.24 -33.75
N LYS A 278 -18.04 -21.09 -33.60
CA LYS A 278 -18.93 -20.60 -34.65
C LYS A 278 -18.18 -20.21 -35.90
N GLN A 279 -16.89 -19.89 -35.73
CA GLN A 279 -16.07 -19.47 -36.85
C GLN A 279 -15.38 -20.59 -37.60
N ALA A 280 -15.81 -21.83 -37.35
CA ALA A 280 -15.24 -22.99 -38.03
C ALA A 280 -13.80 -23.31 -37.64
N TYR A 281 -13.40 -22.89 -36.44
CA TYR A 281 -12.06 -23.13 -35.94
C TYR A 281 -11.75 -24.61 -35.76
N THR A 282 -10.53 -25.00 -36.12
CA THR A 282 -10.05 -26.37 -36.00
C THR A 282 -8.70 -26.35 -35.34
N PRO A 283 -8.29 -27.47 -34.74
CA PRO A 283 -6.99 -27.57 -34.07
C PRO A 283 -5.85 -27.08 -34.97
N LEU A 284 -5.87 -27.52 -36.23
CA LEU A 284 -4.84 -27.11 -37.19
C LEU A 284 -4.75 -25.58 -37.28
N LYS A 285 -5.90 -24.94 -37.47
CA LYS A 285 -5.97 -23.47 -37.55
C LYS A 285 -5.33 -22.89 -36.29
N MET A 286 -5.73 -23.41 -35.13
CA MET A 286 -5.17 -22.94 -33.87
C MET A 286 -3.63 -23.09 -33.87
N PHE A 287 -3.14 -24.20 -34.41
CA PHE A 287 -1.70 -24.40 -34.45
C PHE A 287 -1.05 -23.40 -35.38
N GLN A 288 -1.72 -23.09 -36.49
CA GLN A 288 -1.19 -22.13 -37.46
C GLN A 288 -1.14 -20.74 -36.86
N MET A 289 -2.19 -20.39 -36.12
CA MET A 289 -2.22 -19.09 -35.47
C MET A 289 -1.05 -19.06 -34.50
N GLY A 290 -0.93 -20.14 -33.73
CA GLY A 290 0.15 -20.21 -32.78
C GLY A 290 1.50 -20.05 -33.45
N ASP A 291 1.62 -20.57 -34.67
CA ASP A 291 2.87 -20.49 -35.42
C ASP A 291 3.15 -19.08 -35.95
N ASP A 292 2.10 -18.35 -36.29
CA ASP A 292 2.27 -16.98 -36.80
C ASP A 292 2.83 -16.05 -35.75
N PHE A 293 2.31 -16.17 -34.52
CA PHE A 293 2.75 -15.33 -33.42
C PHE A 293 4.26 -15.38 -33.26
N PHE A 294 4.82 -16.59 -33.36
CA PHE A 294 6.25 -16.75 -33.22
C PHE A 294 6.99 -16.13 -34.41
N THR A 295 6.60 -16.49 -35.62
CA THR A 295 7.28 -15.94 -36.79
C THR A 295 7.15 -14.42 -36.80
N SER A 296 6.01 -13.94 -36.31
CA SER A 296 5.76 -12.49 -36.25
C SER A 296 6.81 -11.78 -35.41
N MET A 297 7.39 -12.49 -34.45
CA MET A 297 8.40 -11.92 -33.56
C MET A 297 9.81 -12.20 -34.10
N ASN A 298 9.89 -12.51 -35.39
CA ASN A 298 11.15 -12.85 -36.05
C ASN A 298 11.73 -14.14 -35.45
N LEU A 299 10.84 -14.96 -34.86
CA LEU A 299 11.23 -16.23 -34.26
C LEU A 299 11.09 -17.36 -35.28
N THR A 300 11.70 -18.49 -34.94
CA THR A 300 11.72 -19.66 -35.80
C THR A 300 10.36 -20.25 -36.07
N LYS A 301 10.09 -20.49 -37.36
CA LYS A 301 8.84 -21.08 -37.81
C LYS A 301 8.88 -22.58 -37.63
N LEU A 302 7.70 -23.18 -37.44
CA LEU A 302 7.59 -24.61 -37.27
C LEU A 302 8.10 -25.30 -38.53
N PRO A 303 9.02 -26.26 -38.38
CA PRO A 303 9.57 -26.98 -39.52
C PRO A 303 8.58 -27.98 -40.14
N GLN A 304 8.91 -28.48 -41.33
CA GLN A 304 8.05 -29.42 -42.05
C GLN A 304 7.81 -30.74 -41.31
N ASP A 305 8.76 -31.15 -40.46
CA ASP A 305 8.61 -32.39 -39.72
C ASP A 305 7.52 -32.26 -38.66
N PHE A 306 7.28 -31.02 -38.23
CA PHE A 306 6.26 -30.76 -37.21
C PHE A 306 4.85 -31.08 -37.72
N TRP A 307 4.49 -30.54 -38.88
CA TRP A 307 3.16 -30.77 -39.46
C TRP A 307 2.96 -32.20 -39.98
N ASP A 308 4.06 -32.93 -40.19
CA ASP A 308 3.95 -34.30 -40.67
C ASP A 308 3.84 -35.27 -39.51
N LYS A 309 4.74 -35.12 -38.55
CA LYS A 309 4.81 -36.03 -37.42
C LYS A 309 4.08 -35.66 -36.12
N SER A 310 3.23 -34.65 -36.15
CA SER A 310 2.54 -34.27 -34.91
C SER A 310 1.14 -34.86 -34.87
N ILE A 311 0.61 -34.98 -33.67
CA ILE A 311 -0.74 -35.50 -33.46
C ILE A 311 -1.47 -34.40 -32.70
N ILE A 312 -2.22 -33.61 -33.47
CA ILE A 312 -2.95 -32.47 -32.93
C ILE A 312 -4.45 -32.73 -32.69
N GLU A 313 -4.89 -33.98 -32.88
CA GLU A 313 -6.29 -34.31 -32.66
C GLU A 313 -6.37 -35.70 -32.06
N LYS A 314 -7.33 -35.90 -31.16
CA LYS A 314 -7.47 -37.17 -30.48
C LYS A 314 -7.86 -38.31 -31.40
N PRO A 315 -6.99 -39.34 -31.50
CA PRO A 315 -7.23 -40.51 -32.35
C PRO A 315 -8.66 -41.05 -32.27
N THR A 316 -9.18 -41.45 -33.43
CA THR A 316 -10.54 -41.92 -33.53
C THR A 316 -10.74 -43.43 -33.43
N ASP A 317 -9.67 -44.19 -33.31
CA ASP A 317 -9.79 -45.64 -33.16
C ASP A 317 -9.86 -45.92 -31.66
N GLY A 318 -10.23 -47.14 -31.28
CA GLY A 318 -10.35 -47.48 -29.88
C GLY A 318 -9.04 -47.47 -29.13
N ARG A 319 -8.01 -46.85 -29.71
CA ARG A 319 -6.71 -46.83 -29.07
C ARG A 319 -6.66 -46.15 -27.72
N ASP A 320 -5.66 -46.56 -26.94
CA ASP A 320 -5.40 -45.98 -25.64
C ASP A 320 -4.10 -45.25 -25.86
N LEU A 321 -4.04 -44.03 -25.39
CA LEU A 321 -2.85 -43.23 -25.57
C LEU A 321 -2.72 -42.31 -24.39
N VAL A 322 -1.65 -41.53 -24.39
CA VAL A 322 -1.42 -40.56 -23.34
C VAL A 322 -1.83 -39.25 -24.02
N CYS A 323 -2.88 -38.60 -23.54
CA CYS A 323 -3.26 -37.37 -24.21
C CYS A 323 -3.11 -36.10 -23.42
N HIS A 324 -2.23 -36.14 -22.43
CA HIS A 324 -1.95 -34.96 -21.62
C HIS A 324 -0.95 -34.15 -22.44
N ALA A 325 -1.45 -33.14 -23.16
CA ALA A 325 -0.65 -32.28 -24.03
C ALA A 325 0.82 -32.22 -23.67
N SER A 326 1.69 -32.32 -24.68
CA SER A 326 3.13 -32.26 -24.45
C SER A 326 3.93 -32.04 -25.75
N ALA A 327 5.17 -31.54 -25.60
CA ALA A 327 6.05 -31.24 -26.72
C ALA A 327 7.31 -32.10 -26.69
N TRP A 328 7.66 -32.68 -27.85
CA TRP A 328 8.81 -33.56 -27.97
C TRP A 328 9.98 -33.11 -28.82
N ASP A 329 11.17 -33.23 -28.24
CA ASP A 329 12.43 -32.89 -28.89
C ASP A 329 13.03 -34.22 -29.35
N PHE A 330 13.24 -34.38 -30.65
CA PHE A 330 13.79 -35.63 -31.14
C PHE A 330 15.31 -35.66 -31.29
N TYR A 331 15.95 -34.57 -30.88
CA TYR A 331 17.41 -34.47 -30.90
C TYR A 331 18.16 -34.64 -32.23
N LEU A 332 17.54 -34.19 -33.31
CA LEU A 332 18.16 -34.22 -34.61
C LEU A 332 18.10 -32.77 -35.04
N ILE A 333 17.83 -32.54 -36.32
CA ILE A 333 17.70 -31.17 -36.78
C ILE A 333 16.29 -31.06 -37.35
N ASP A 334 15.51 -30.20 -36.73
CA ASP A 334 14.12 -29.94 -37.12
C ASP A 334 13.10 -31.06 -36.91
N ASP A 335 13.36 -31.97 -35.97
CA ASP A 335 12.37 -33.01 -35.73
C ASP A 335 11.67 -32.71 -34.42
N VAL A 336 10.69 -31.82 -34.46
CA VAL A 336 9.96 -31.43 -33.27
C VAL A 336 8.48 -31.67 -33.47
N ARG A 337 7.82 -32.29 -32.49
CA ARG A 337 6.39 -32.59 -32.64
C ARG A 337 5.65 -32.44 -31.32
N ILE A 338 4.34 -32.18 -31.43
CA ILE A 338 3.49 -32.04 -30.27
C ILE A 338 2.40 -33.10 -30.34
N LYS A 339 2.00 -33.61 -29.17
CA LYS A 339 0.94 -34.62 -29.12
C LYS A 339 -0.09 -34.02 -28.20
N GLN A 340 -1.23 -33.67 -28.77
CA GLN A 340 -2.28 -33.04 -28.00
C GLN A 340 -3.66 -33.42 -28.51
N CYS A 341 -4.59 -33.62 -27.58
CA CYS A 341 -5.98 -33.95 -27.90
C CYS A 341 -6.78 -32.66 -28.02
N THR A 342 -6.16 -31.66 -28.63
CA THR A 342 -6.76 -30.36 -28.81
C THR A 342 -8.26 -30.35 -29.06
N ARG A 343 -8.94 -29.39 -28.43
CA ARG A 343 -10.37 -29.16 -28.59
C ARG A 343 -10.43 -27.66 -28.84
N VAL A 344 -11.48 -27.18 -29.51
CA VAL A 344 -11.57 -25.75 -29.79
C VAL A 344 -12.18 -24.94 -28.65
N THR A 345 -11.37 -24.66 -27.63
CA THR A 345 -11.82 -23.86 -26.49
C THR A 345 -10.70 -22.89 -26.15
N GLN A 346 -11.04 -21.82 -25.42
CA GLN A 346 -10.06 -20.81 -25.05
C GLN A 346 -8.87 -21.36 -24.27
N ASP A 347 -9.10 -22.29 -23.34
CA ASP A 347 -8.00 -22.83 -22.56
C ASP A 347 -7.04 -23.61 -23.45
N GLN A 348 -7.58 -24.34 -24.42
CA GLN A 348 -6.74 -25.11 -25.34
C GLN A 348 -5.83 -24.21 -26.17
N LEU A 349 -6.37 -23.07 -26.60
CA LEU A 349 -5.61 -22.11 -27.40
C LEU A 349 -4.36 -21.66 -26.62
N PHE A 350 -4.49 -21.50 -25.30
CA PHE A 350 -3.36 -21.10 -24.45
C PHE A 350 -2.39 -22.28 -24.36
N THR A 351 -2.96 -23.47 -24.20
CA THR A 351 -2.15 -24.69 -24.12
C THR A 351 -1.35 -24.89 -25.41
N VAL A 352 -2.01 -24.70 -26.56
CA VAL A 352 -1.31 -24.83 -27.83
C VAL A 352 -0.06 -23.97 -27.80
N HIS A 353 -0.21 -22.69 -27.46
CA HIS A 353 0.93 -21.77 -27.36
C HIS A 353 1.93 -22.28 -26.35
N HIS A 354 1.45 -22.70 -25.18
CA HIS A 354 2.37 -23.22 -24.18
C HIS A 354 3.27 -24.25 -24.85
N GLU A 355 2.64 -25.30 -25.39
CA GLU A 355 3.38 -26.36 -26.05
C GLU A 355 4.32 -25.78 -27.11
N LEU A 356 3.82 -24.88 -27.96
CA LEU A 356 4.67 -24.28 -28.98
C LEU A 356 5.87 -23.64 -28.27
N GLY A 357 5.65 -23.13 -27.06
CA GLY A 357 6.73 -22.53 -26.32
C GLY A 357 7.86 -23.54 -26.23
N HIS A 358 7.52 -24.77 -25.87
CA HIS A 358 8.51 -25.82 -25.77
C HIS A 358 9.20 -26.02 -27.13
N ILE A 359 8.40 -26.06 -28.19
CA ILE A 359 8.96 -26.25 -29.53
C ILE A 359 9.93 -25.12 -29.91
N GLN A 360 9.59 -23.89 -29.55
CA GLN A 360 10.48 -22.79 -29.89
C GLN A 360 11.82 -23.05 -29.26
N TYR A 361 11.78 -23.43 -27.98
CA TYR A 361 12.99 -23.70 -27.21
C TYR A 361 13.86 -24.80 -27.85
N PHE A 362 13.25 -25.93 -28.22
CA PHE A 362 14.00 -27.02 -28.86
C PHE A 362 14.71 -26.47 -30.10
N LEU A 363 13.95 -25.77 -30.94
CA LEU A 363 14.48 -25.21 -32.18
C LEU A 363 15.57 -24.19 -31.88
N GLN A 364 15.30 -23.30 -30.94
CA GLN A 364 16.27 -22.28 -30.62
C GLN A 364 17.65 -22.82 -30.23
N TYR A 365 17.71 -23.97 -29.56
CA TYR A 365 19.00 -24.48 -29.15
C TYR A 365 19.54 -25.79 -29.72
N GLN A 366 19.03 -26.19 -30.88
CA GLN A 366 19.46 -27.44 -31.51
C GLN A 366 20.96 -27.57 -31.58
N HIS A 367 21.59 -26.55 -32.19
CA HIS A 367 23.03 -26.48 -32.37
C HIS A 367 23.88 -26.71 -31.11
N GLN A 368 23.30 -26.48 -29.93
CA GLN A 368 24.04 -26.67 -28.67
C GLN A 368 24.46 -28.11 -28.41
N PRO A 369 25.59 -28.32 -27.71
CA PRO A 369 26.05 -29.68 -27.40
C PRO A 369 24.89 -30.41 -26.74
N PHE A 370 24.67 -31.67 -27.07
CA PHE A 370 23.54 -32.39 -26.49
C PHE A 370 23.25 -32.05 -25.02
N VAL A 371 24.27 -32.14 -24.17
CA VAL A 371 24.10 -31.86 -22.75
C VAL A 371 23.41 -30.52 -22.49
N TYR A 372 23.55 -29.57 -23.41
CA TYR A 372 22.93 -28.27 -23.23
C TYR A 372 21.62 -28.12 -23.98
N ARG A 373 21.18 -29.16 -24.69
CA ARG A 373 19.94 -29.04 -25.44
C ARG A 373 18.73 -29.21 -24.54
N THR A 374 18.71 -28.40 -23.49
CA THR A 374 17.63 -28.39 -22.52
C THR A 374 17.47 -26.95 -22.02
N GLY A 375 16.47 -26.68 -21.20
CA GLY A 375 16.29 -25.32 -20.74
C GLY A 375 17.22 -24.88 -19.65
N ALA A 376 17.36 -23.56 -19.45
CA ALA A 376 18.22 -23.03 -18.38
C ALA A 376 17.33 -23.18 -17.15
N ASN A 377 17.50 -24.27 -16.42
CA ASN A 377 16.63 -24.54 -15.26
C ASN A 377 15.24 -24.78 -15.85
N PRO A 378 14.61 -25.89 -15.43
CA PRO A 378 13.28 -26.37 -15.84
C PRO A 378 12.20 -25.32 -15.94
N GLY A 379 12.40 -24.22 -15.23
CA GLY A 379 11.40 -23.16 -15.22
C GLY A 379 11.20 -22.43 -16.52
N PHE A 380 12.30 -22.08 -17.18
CA PHE A 380 12.25 -21.38 -18.45
C PHE A 380 11.47 -22.13 -19.51
N HIS A 381 11.56 -23.47 -19.49
CA HIS A 381 10.90 -24.26 -20.51
C HIS A 381 9.39 -24.13 -20.52
N GLU A 382 8.80 -24.07 -19.33
CA GLU A 382 7.35 -23.93 -19.21
C GLU A 382 6.87 -22.50 -19.53
N ALA A 383 7.63 -21.49 -19.10
CA ALA A 383 7.27 -20.07 -19.29
C ALA A 383 7.20 -19.51 -20.73
N VAL A 384 8.12 -19.91 -21.58
CA VAL A 384 8.14 -19.41 -22.94
C VAL A 384 6.76 -19.25 -23.54
N GLY A 385 6.09 -20.36 -23.81
CA GLY A 385 4.77 -20.29 -24.40
C GLY A 385 3.79 -19.50 -23.56
N ASP A 386 3.93 -19.57 -22.24
CA ASP A 386 3.02 -18.84 -21.38
C ASP A 386 3.09 -17.32 -21.54
N VAL A 387 4.26 -16.79 -21.89
CA VAL A 387 4.38 -15.35 -22.07
C VAL A 387 3.53 -14.94 -23.28
N LEU A 388 3.54 -15.77 -24.32
CA LEU A 388 2.75 -15.46 -25.52
C LEU A 388 1.26 -15.56 -25.20
N SER A 389 0.88 -16.61 -24.47
CA SER A 389 -0.53 -16.81 -24.14
C SER A 389 -1.11 -15.65 -23.34
N LEU A 390 -0.25 -14.92 -22.64
CA LEU A 390 -0.74 -13.80 -21.88
C LEU A 390 -1.21 -12.72 -22.84
N SER A 391 -0.51 -12.60 -23.97
CA SER A 391 -0.89 -11.61 -24.97
C SER A 391 -2.16 -11.99 -25.72
N VAL A 392 -2.34 -13.26 -26.09
CA VAL A 392 -3.55 -13.69 -26.82
C VAL A 392 -4.74 -13.78 -25.89
N SER A 393 -4.53 -13.41 -24.63
CA SER A 393 -5.61 -13.45 -23.66
C SER A 393 -6.17 -12.04 -23.47
N THR A 394 -5.43 -11.04 -23.97
CA THR A 394 -5.84 -9.65 -23.80
C THR A 394 -6.91 -9.21 -24.78
N PRO A 395 -7.89 -8.42 -24.28
CA PRO A 395 -8.98 -7.93 -25.12
C PRO A 395 -8.35 -7.29 -26.35
N LYS A 396 -7.19 -6.68 -26.17
CA LYS A 396 -6.48 -6.04 -27.26
C LYS A 396 -6.25 -7.01 -28.44
N HIS A 397 -5.48 -8.07 -28.19
CA HIS A 397 -5.16 -9.05 -29.25
C HIS A 397 -6.34 -9.91 -29.74
N LEU A 398 -7.27 -10.20 -28.85
CA LEU A 398 -8.42 -11.00 -29.23
C LEU A 398 -9.36 -10.19 -30.12
N GLU A 399 -9.28 -8.86 -30.03
CA GLU A 399 -10.13 -8.02 -30.88
C GLU A 399 -9.46 -7.94 -32.24
N LYS A 400 -8.14 -7.86 -32.24
CA LYS A 400 -7.39 -7.78 -33.47
C LYS A 400 -7.53 -9.01 -34.37
N ILE A 401 -7.81 -10.17 -33.79
CA ILE A 401 -7.97 -11.39 -34.59
C ILE A 401 -9.44 -11.76 -34.78
N GLY A 402 -10.33 -10.83 -34.40
CA GLY A 402 -11.76 -11.06 -34.57
C GLY A 402 -12.43 -12.05 -33.65
N LEU A 403 -11.69 -12.59 -32.68
CA LEU A 403 -12.26 -13.55 -31.74
C LEU A 403 -13.04 -12.84 -30.62
N LEU A 404 -13.09 -11.52 -30.72
CA LEU A 404 -13.80 -10.70 -29.75
C LEU A 404 -14.50 -9.58 -30.54
N LYS A 405 -15.78 -9.79 -30.84
CA LYS A 405 -16.61 -8.84 -31.59
C LYS A 405 -16.54 -7.40 -31.06
N ASP A 406 -17.60 -6.96 -30.38
CA ASP A 406 -17.61 -5.62 -29.82
C ASP A 406 -17.34 -5.74 -28.32
N TYR A 407 -16.32 -5.04 -27.87
CA TYR A 407 -15.91 -5.08 -26.48
C TYR A 407 -15.52 -3.69 -26.03
N VAL A 408 -16.06 -3.25 -24.90
CA VAL A 408 -15.75 -1.92 -24.35
C VAL A 408 -15.00 -2.07 -23.03
N ARG A 409 -13.79 -1.54 -22.97
CA ARG A 409 -12.94 -1.63 -21.80
C ARG A 409 -13.52 -1.04 -20.51
N ASP A 410 -14.73 -0.50 -20.61
CA ASP A 410 -15.40 0.07 -19.44
C ASP A 410 -14.47 0.60 -18.36
N ASP A 411 -14.19 -0.26 -17.40
CA ASP A 411 -13.37 0.05 -16.25
C ASP A 411 -13.59 -1.17 -15.36
N GLU A 412 -14.85 -1.55 -15.21
CA GLU A 412 -15.20 -2.72 -14.42
C GLU A 412 -15.19 -3.95 -15.33
N ALA A 413 -14.97 -3.71 -16.63
CA ALA A 413 -14.88 -4.79 -17.59
C ALA A 413 -13.41 -5.20 -17.50
N ARG A 414 -12.64 -4.33 -16.87
CA ARG A 414 -11.21 -4.54 -16.67
C ARG A 414 -11.03 -5.47 -15.46
N ILE A 415 -11.95 -5.34 -14.51
CA ILE A 415 -11.92 -6.14 -13.28
C ILE A 415 -12.30 -7.59 -13.60
N ASN A 416 -12.97 -7.80 -14.73
CA ASN A 416 -13.38 -9.13 -15.16
C ASN A 416 -12.32 -9.80 -16.02
N GLN A 417 -11.16 -9.16 -16.13
CA GLN A 417 -10.07 -9.70 -16.93
C GLN A 417 -8.88 -10.09 -16.07
N LEU A 418 -8.53 -9.21 -15.13
CA LEU A 418 -7.42 -9.46 -14.22
C LEU A 418 -7.83 -10.61 -13.31
N PHE A 419 -9.04 -10.52 -12.80
CA PHE A 419 -9.59 -11.52 -11.90
C PHE A 419 -9.63 -12.89 -12.57
N LEU A 420 -9.84 -12.90 -13.88
CA LEU A 420 -9.87 -14.13 -14.64
C LEU A 420 -8.46 -14.73 -14.60
N THR A 421 -7.50 -13.89 -14.95
CA THR A 421 -6.10 -14.25 -14.97
C THR A 421 -5.63 -14.56 -13.56
N ALA A 422 -6.48 -14.21 -12.59
CA ALA A 422 -6.18 -14.45 -11.18
C ALA A 422 -6.60 -15.89 -10.85
N LEU A 423 -7.69 -16.33 -11.46
CA LEU A 423 -8.21 -17.68 -11.26
C LEU A 423 -7.40 -18.65 -12.11
N ASP A 424 -6.24 -18.20 -12.57
CA ASP A 424 -5.37 -19.01 -13.42
C ASP A 424 -3.91 -18.89 -13.02
N LYS A 425 -3.43 -17.65 -13.02
CA LYS A 425 -2.04 -17.34 -12.69
C LYS A 425 -1.74 -17.21 -11.21
N ILE A 426 -2.65 -16.62 -10.45
CA ILE A 426 -2.38 -16.47 -9.04
C ILE A 426 -2.82 -17.69 -8.25
N VAL A 427 -4.02 -18.16 -8.52
CA VAL A 427 -4.55 -19.33 -7.82
C VAL A 427 -3.58 -20.51 -7.80
N PHE A 428 -2.92 -20.72 -8.94
CA PHE A 428 -1.97 -21.80 -9.16
C PHE A 428 -0.72 -21.86 -8.26
N LEU A 429 -0.08 -20.71 -8.06
CA LEU A 429 1.13 -20.60 -7.26
C LEU A 429 1.21 -21.52 -6.04
N PRO A 430 0.19 -21.51 -5.17
CA PRO A 430 0.19 -22.36 -3.99
C PRO A 430 -0.05 -23.84 -4.32
N PHE A 431 -0.88 -24.10 -5.33
CA PHE A 431 -1.17 -25.46 -5.77
C PHE A 431 0.14 -26.09 -6.26
N ALA A 432 0.79 -25.41 -7.20
CA ALA A 432 2.02 -25.93 -7.76
C ALA A 432 3.10 -26.11 -6.71
N PHE A 433 3.08 -25.29 -5.66
CA PHE A 433 4.09 -25.36 -4.60
C PHE A 433 3.91 -26.61 -3.73
N THR A 434 2.66 -26.93 -3.40
CA THR A 434 2.35 -28.06 -2.57
C THR A 434 2.66 -29.37 -3.25
N MET A 435 2.47 -29.42 -4.57
CA MET A 435 2.75 -30.63 -5.35
C MET A 435 4.15 -31.17 -5.01
N ASP A 436 5.18 -30.34 -5.19
CA ASP A 436 6.53 -30.78 -4.90
C ASP A 436 6.85 -30.71 -3.42
N LYS A 437 6.18 -29.83 -2.72
CA LYS A 437 6.41 -29.68 -1.29
C LYS A 437 6.00 -31.01 -0.67
N TYR A 438 5.03 -31.66 -1.29
CA TYR A 438 4.53 -32.94 -0.82
C TYR A 438 5.49 -34.08 -1.17
N ARG A 439 5.93 -34.11 -2.41
CA ARG A 439 6.84 -35.16 -2.84
C ARG A 439 8.22 -34.98 -2.22
N TRP A 440 8.52 -33.75 -1.80
CA TRP A 440 9.81 -33.47 -1.18
C TRP A 440 9.85 -34.10 0.20
N SER A 441 8.75 -33.93 0.95
CA SER A 441 8.66 -34.46 2.31
C SER A 441 8.67 -35.99 2.31
N LEU A 442 8.41 -36.60 1.15
CA LEU A 442 8.48 -38.05 1.08
C LEU A 442 9.94 -38.33 0.77
N PHE A 443 10.41 -37.84 -0.38
CA PHE A 443 11.80 -38.02 -0.78
C PHE A 443 12.71 -37.86 0.44
N ARG A 444 12.40 -36.86 1.25
CA ARG A 444 13.11 -36.60 2.49
C ARG A 444 12.25 -37.43 3.44
N GLY A 445 12.84 -38.36 4.17
CA GLY A 445 12.02 -39.19 5.05
C GLY A 445 11.22 -38.49 6.13
N GLU A 446 10.67 -37.31 5.84
CA GLU A 446 9.92 -36.54 6.83
C GLU A 446 8.51 -37.05 7.19
N VAL A 447 7.92 -37.89 6.36
CA VAL A 447 6.58 -38.40 6.65
C VAL A 447 6.55 -39.93 6.79
N ASP A 448 5.69 -40.41 7.68
CA ASP A 448 5.52 -41.85 7.91
C ASP A 448 4.43 -42.38 6.99
N LYS A 449 4.64 -43.59 6.46
CA LYS A 449 3.69 -44.24 5.57
C LYS A 449 2.23 -44.19 6.01
N ALA A 450 2.00 -44.27 7.31
CA ALA A 450 0.63 -44.25 7.85
C ALA A 450 -0.06 -42.90 7.69
N ASN A 451 0.73 -41.87 7.34
CA ASN A 451 0.21 -40.52 7.20
C ASN A 451 0.37 -39.93 5.79
N TRP A 452 0.64 -40.81 4.81
CA TRP A 452 0.86 -40.38 3.45
C TRP A 452 -0.31 -39.71 2.75
N ASN A 453 -1.53 -40.19 2.94
CA ASN A 453 -2.61 -39.51 2.26
C ASN A 453 -3.08 -38.23 2.93
N CYS A 454 -2.93 -38.13 4.24
CA CYS A 454 -3.33 -36.92 4.95
C CYS A 454 -2.28 -35.85 4.92
N ALA A 455 -1.03 -36.26 4.77
CA ALA A 455 0.07 -35.32 4.66
C ALA A 455 -0.20 -34.52 3.39
N PHE A 456 -0.78 -35.19 2.40
CA PHE A 456 -1.11 -34.53 1.14
C PHE A 456 -2.20 -33.47 1.33
N TRP A 457 -3.34 -33.87 1.90
CA TRP A 457 -4.46 -32.95 2.09
C TRP A 457 -4.28 -31.84 3.11
N LYS A 458 -3.55 -32.11 4.17
CA LYS A 458 -3.34 -31.08 5.18
C LYS A 458 -2.46 -30.04 4.52
N LEU A 459 -1.70 -30.49 3.53
CA LEU A 459 -0.79 -29.61 2.79
C LEU A 459 -1.57 -28.84 1.72
N ARG A 460 -2.66 -29.41 1.23
CA ARG A 460 -3.50 -28.75 0.23
C ARG A 460 -4.37 -27.76 0.99
N ASP A 461 -4.60 -28.12 2.25
CA ASP A 461 -5.39 -27.32 3.18
C ASP A 461 -4.48 -26.17 3.61
N GLU A 462 -3.35 -26.50 4.21
CA GLU A 462 -2.45 -25.44 4.64
C GLU A 462 -2.28 -24.29 3.62
N TYR A 463 -1.80 -24.61 2.42
CA TYR A 463 -1.53 -23.60 1.41
C TYR A 463 -2.63 -23.07 0.48
N SER A 464 -3.56 -23.94 0.07
CA SER A 464 -4.64 -23.50 -0.82
C SER A 464 -6.02 -23.28 -0.18
N GLY A 465 -6.26 -23.80 1.02
CA GLY A 465 -7.58 -23.64 1.61
C GLY A 465 -8.61 -24.39 0.76
N ILE A 466 -8.21 -25.60 0.36
CA ILE A 466 -9.04 -26.47 -0.47
C ILE A 466 -9.11 -27.86 0.17
N GLU A 467 -10.23 -28.57 -0.04
CA GLU A 467 -10.39 -29.91 0.52
C GLU A 467 -11.23 -30.79 -0.35
N PRO A 468 -11.10 -32.12 -0.20
CA PRO A 468 -11.88 -33.07 -0.99
C PRO A 468 -13.37 -32.82 -0.81
N PRO A 469 -14.18 -33.19 -1.81
CA PRO A 469 -15.63 -32.98 -1.71
C PRO A 469 -16.30 -33.97 -0.76
N VAL A 470 -15.62 -35.09 -0.56
CA VAL A 470 -16.11 -36.17 0.29
C VAL A 470 -14.99 -36.49 1.27
N VAL A 471 -15.27 -37.26 2.34
CA VAL A 471 -14.22 -37.57 3.33
C VAL A 471 -13.26 -38.57 2.73
N ARG A 472 -11.97 -38.42 3.01
CA ARG A 472 -10.98 -39.39 2.51
C ARG A 472 -10.17 -39.86 3.71
N SER A 473 -9.60 -41.05 3.64
CA SER A 473 -8.82 -41.57 4.75
C SER A 473 -7.47 -42.09 4.28
N GLU A 474 -6.72 -42.66 5.22
CA GLU A 474 -5.41 -43.18 4.87
C GLU A 474 -5.55 -44.46 4.05
N LYS A 475 -6.79 -44.92 3.87
CA LYS A 475 -7.03 -46.10 3.05
C LYS A 475 -6.89 -45.64 1.60
N ASP A 476 -7.25 -44.39 1.34
CA ASP A 476 -7.14 -43.87 -0.01
C ASP A 476 -5.74 -43.28 -0.20
N PHE A 477 -5.38 -43.06 -1.45
CA PHE A 477 -4.11 -42.45 -1.79
C PHE A 477 -4.33 -41.56 -3.03
N ASP A 478 -4.58 -40.28 -2.75
CA ASP A 478 -4.88 -39.31 -3.79
C ASP A 478 -3.80 -38.63 -4.63
N ALA A 479 -2.60 -38.41 -4.10
CA ALA A 479 -1.57 -37.73 -4.89
C ALA A 479 -1.40 -38.18 -6.35
N PRO A 480 -1.64 -39.47 -6.66
CA PRO A 480 -1.49 -39.95 -8.04
C PRO A 480 -2.55 -39.51 -9.05
N ALA A 481 -3.66 -38.93 -8.59
CA ALA A 481 -4.70 -38.50 -9.53
C ALA A 481 -4.22 -37.36 -10.41
N LYS A 482 -3.10 -36.77 -10.03
CA LYS A 482 -2.50 -35.70 -10.78
C LYS A 482 -1.44 -36.29 -11.74
N TYR A 483 -1.69 -36.15 -13.03
CA TYR A 483 -0.80 -36.64 -14.07
C TYR A 483 0.69 -36.61 -13.69
N HIS A 484 1.20 -35.42 -13.38
CA HIS A 484 2.62 -35.28 -13.05
C HIS A 484 3.10 -36.13 -11.87
N ILE A 485 2.19 -36.50 -10.98
CA ILE A 485 2.57 -37.31 -9.83
C ILE A 485 2.75 -38.73 -10.34
N SER A 486 1.80 -39.17 -11.16
CA SER A 486 1.82 -40.51 -11.74
C SER A 486 2.95 -40.71 -12.75
N ALA A 487 3.21 -39.70 -13.56
CA ALA A 487 4.25 -39.76 -14.61
C ALA A 487 5.65 -39.34 -14.19
N ASP A 488 5.88 -39.19 -12.90
CA ASP A 488 7.18 -38.77 -12.38
C ASP A 488 7.70 -37.49 -13.08
N VAL A 489 6.95 -36.41 -13.02
CA VAL A 489 7.42 -35.15 -13.63
C VAL A 489 7.55 -34.10 -12.56
N GLU A 490 8.75 -33.55 -12.40
CA GLU A 490 9.00 -32.52 -11.41
C GLU A 490 7.94 -31.42 -11.65
N TYR A 491 7.48 -30.79 -10.58
CA TYR A 491 6.41 -29.78 -10.67
C TYR A 491 6.81 -28.33 -10.29
N LEU A 492 7.88 -28.18 -9.52
CA LEU A 492 8.31 -26.86 -9.11
C LEU A 492 8.51 -25.93 -10.30
N ARG A 493 8.71 -26.56 -11.46
CA ARG A 493 8.94 -25.86 -12.73
C ARG A 493 7.80 -24.94 -13.09
N TYR A 494 6.58 -25.39 -12.81
CA TYR A 494 5.41 -24.58 -13.13
C TYR A 494 5.31 -23.37 -12.26
N LEU A 495 5.65 -23.54 -10.98
CA LEU A 495 5.61 -22.45 -10.02
C LEU A 495 6.63 -21.37 -10.36
N VAL A 496 7.85 -21.74 -10.76
CA VAL A 496 8.84 -20.73 -11.08
C VAL A 496 8.41 -20.08 -12.39
N SER A 497 7.84 -20.89 -13.28
CA SER A 497 7.38 -20.43 -14.56
C SER A 497 6.28 -19.38 -14.42
N PHE A 498 5.38 -19.54 -13.44
CA PHE A 498 4.32 -18.57 -13.28
C PHE A 498 4.87 -17.30 -12.63
N ILE A 499 6.04 -17.42 -12.03
CA ILE A 499 6.65 -16.25 -11.42
C ILE A 499 7.43 -15.52 -12.49
N ILE A 500 8.47 -16.17 -12.99
CA ILE A 500 9.32 -15.57 -13.99
C ILE A 500 8.69 -15.34 -15.38
N GLN A 501 7.49 -15.85 -15.66
CA GLN A 501 6.89 -15.62 -16.99
C GLN A 501 6.36 -14.20 -17.07
N PHE A 502 6.06 -13.63 -15.90
CA PHE A 502 5.56 -12.27 -15.83
C PHE A 502 6.73 -11.30 -15.92
N GLN A 503 7.92 -11.76 -15.51
CA GLN A 503 9.12 -10.92 -15.62
C GLN A 503 9.46 -10.84 -17.11
N PHE A 504 9.41 -11.98 -17.79
CA PHE A 504 9.70 -12.05 -19.22
C PHE A 504 8.69 -11.16 -19.93
N TYR A 505 7.41 -11.40 -19.67
CA TYR A 505 6.32 -10.65 -20.27
C TYR A 505 6.44 -9.15 -20.00
N LYS A 506 6.72 -8.78 -18.76
CA LYS A 506 6.88 -7.37 -18.42
C LYS A 506 7.95 -6.74 -19.31
N SER A 507 9.13 -7.32 -19.32
CA SER A 507 10.20 -6.79 -20.15
C SER A 507 9.87 -6.81 -21.65
N ALA A 508 9.35 -7.93 -22.14
CA ALA A 508 9.02 -8.07 -23.57
C ALA A 508 8.10 -6.92 -24.03
N CYS A 509 7.09 -6.62 -23.24
CA CYS A 509 6.14 -5.56 -23.53
C CYS A 509 6.81 -4.18 -23.51
N ILE A 510 7.86 -4.05 -22.70
CA ILE A 510 8.58 -2.79 -22.60
C ILE A 510 9.55 -2.65 -23.78
N LYS A 511 10.21 -3.75 -24.14
CA LYS A 511 11.15 -3.76 -25.26
C LYS A 511 10.38 -3.48 -26.53
N ALA A 512 9.06 -3.46 -26.39
CA ALA A 512 8.12 -3.15 -27.45
C ALA A 512 7.47 -1.85 -26.95
N GLY A 513 6.72 -1.15 -27.80
CA GLY A 513 6.13 0.09 -27.32
C GLY A 513 4.76 -0.12 -26.71
N GLN A 514 4.64 -1.20 -25.93
CA GLN A 514 3.37 -1.56 -25.32
C GLN A 514 3.18 -1.25 -23.85
N TYR A 515 4.25 -1.25 -23.08
CA TYR A 515 4.11 -1.00 -21.65
C TYR A 515 5.00 0.10 -21.10
N ASP A 516 4.37 1.07 -20.46
CA ASP A 516 5.04 2.20 -19.83
C ASP A 516 4.37 2.40 -18.48
N PRO A 517 5.08 2.05 -17.39
CA PRO A 517 4.59 2.16 -16.02
C PRO A 517 3.75 3.41 -15.75
N ASP A 518 3.95 4.45 -16.57
CA ASP A 518 3.21 5.69 -16.39
C ASP A 518 2.04 5.87 -17.36
N ASN A 519 2.32 5.76 -18.65
CA ASN A 519 1.26 5.91 -19.64
C ASN A 519 0.08 5.03 -19.26
N VAL A 520 -1.01 5.67 -18.84
CA VAL A 520 -2.23 4.96 -18.43
C VAL A 520 -2.98 4.29 -19.60
N GLU A 521 -2.66 4.67 -20.83
CA GLU A 521 -3.30 4.08 -21.99
C GLU A 521 -2.55 2.82 -22.40
N LEU A 522 -1.59 2.40 -21.57
CA LEU A 522 -0.79 1.20 -21.84
C LEU A 522 -0.63 0.34 -20.58
N PRO A 523 -1.75 -0.12 -20.01
CA PRO A 523 -1.71 -0.95 -18.80
C PRO A 523 -0.99 -2.29 -19.06
N LEU A 524 -0.16 -2.71 -18.11
CA LEU A 524 0.59 -3.96 -18.27
C LEU A 524 -0.29 -5.18 -18.48
N ASP A 525 -1.60 -5.01 -18.39
CA ASP A 525 -2.50 -6.16 -18.57
C ASP A 525 -3.22 -6.10 -19.90
N ASN A 526 -2.69 -5.30 -20.82
CA ASN A 526 -3.29 -5.16 -22.12
C ASN A 526 -2.25 -4.91 -23.21
N CYS A 527 -1.04 -5.45 -23.05
CA CYS A 527 -0.01 -5.29 -24.09
C CYS A 527 0.03 -6.58 -24.89
N ASP A 528 0.08 -6.45 -26.21
CA ASP A 528 0.07 -7.61 -27.08
C ASP A 528 1.39 -8.23 -27.56
N ILE A 529 2.48 -7.47 -27.55
CA ILE A 529 3.79 -7.94 -28.04
C ILE A 529 3.77 -8.76 -29.33
N TYR A 530 2.60 -8.97 -29.92
CA TYR A 530 2.52 -9.71 -31.17
C TYR A 530 3.32 -8.91 -32.22
N GLY A 531 3.97 -9.62 -33.13
CA GLY A 531 4.76 -8.96 -34.15
C GLY A 531 5.85 -8.01 -33.66
N SER A 532 6.51 -8.33 -32.55
CA SER A 532 7.57 -7.46 -32.02
C SER A 532 8.98 -8.04 -32.16
N ALA A 533 9.76 -7.44 -33.06
CA ALA A 533 11.13 -7.87 -33.33
C ALA A 533 12.08 -7.81 -32.14
N ARG A 534 12.07 -6.71 -31.39
CA ARG A 534 12.96 -6.58 -30.25
C ARG A 534 12.55 -7.56 -29.15
N ALA A 535 11.27 -7.91 -29.12
CA ALA A 535 10.77 -8.86 -28.14
C ALA A 535 11.30 -10.24 -28.48
N GLY A 536 11.16 -10.65 -29.74
CA GLY A 536 11.66 -11.95 -30.16
C GLY A 536 13.17 -12.03 -30.03
N ALA A 537 13.84 -10.92 -30.33
CA ALA A 537 15.30 -10.83 -30.27
C ALA A 537 15.83 -11.13 -28.85
N ALA A 538 15.09 -10.70 -27.83
CA ALA A 538 15.49 -10.96 -26.45
C ALA A 538 15.21 -12.44 -26.20
N PHE A 539 14.06 -12.90 -26.69
CA PHE A 539 13.69 -14.29 -26.56
C PHE A 539 14.71 -15.17 -27.30
N HIS A 540 15.44 -14.57 -28.25
CA HIS A 540 16.46 -15.32 -28.97
C HIS A 540 17.77 -15.38 -28.20
N ASN A 541 18.20 -14.26 -27.63
CA ASN A 541 19.44 -14.24 -26.85
C ASN A 541 19.34 -15.23 -25.70
N MET A 542 18.13 -15.38 -25.17
CA MET A 542 17.88 -16.27 -24.05
C MET A 542 17.76 -17.72 -24.49
N LEU A 543 16.72 -18.05 -25.26
CA LEU A 543 16.49 -19.42 -25.69
C LEU A 543 17.66 -20.11 -26.43
N SER A 544 18.40 -19.35 -27.23
CA SER A 544 19.52 -19.94 -27.98
C SER A 544 20.63 -20.49 -27.09
N MET A 545 20.74 -19.99 -25.87
CA MET A 545 21.78 -20.42 -24.93
C MET A 545 21.64 -21.84 -24.43
N GLY A 546 20.40 -22.31 -24.31
CA GLY A 546 20.13 -23.67 -23.86
C GLY A 546 20.97 -24.26 -22.74
N ALA A 547 20.64 -23.94 -21.50
CA ALA A 547 21.40 -24.52 -20.37
C ALA A 547 22.93 -24.52 -20.55
N SER A 548 23.46 -23.63 -21.37
CA SER A 548 24.90 -23.57 -21.58
C SER A 548 25.50 -22.78 -20.44
N LYS A 549 24.63 -22.07 -19.73
CA LYS A 549 25.03 -21.25 -18.59
C LYS A 549 23.98 -21.29 -17.51
N PRO A 550 24.39 -21.14 -16.24
CA PRO A 550 23.42 -21.15 -15.13
C PRO A 550 22.26 -20.21 -15.50
N TRP A 551 21.05 -20.44 -14.97
CA TRP A 551 19.91 -19.59 -15.35
C TRP A 551 20.03 -18.08 -15.12
N PRO A 552 20.84 -17.63 -14.15
CA PRO A 552 20.92 -16.18 -13.99
C PRO A 552 21.41 -15.44 -15.25
N ASP A 553 22.27 -16.09 -16.04
CA ASP A 553 22.80 -15.52 -17.27
C ASP A 553 21.79 -15.63 -18.40
N ALA A 554 20.99 -16.68 -18.38
CA ALA A 554 19.99 -16.85 -19.43
C ALA A 554 19.05 -15.68 -19.31
N LEU A 555 18.64 -15.39 -18.08
CA LEU A 555 17.72 -14.29 -17.81
C LEU A 555 18.38 -12.96 -18.21
N GLU A 556 19.61 -12.75 -17.74
CA GLU A 556 20.38 -11.52 -18.03
C GLU A 556 20.42 -11.22 -19.52
N ALA A 557 20.60 -12.28 -20.32
CA ALA A 557 20.65 -12.16 -21.76
C ALA A 557 19.33 -11.64 -22.31
N PHE A 558 18.25 -11.93 -21.59
CA PHE A 558 16.93 -11.48 -22.00
C PHE A 558 16.69 -10.03 -21.60
N ASN A 559 16.92 -9.68 -20.34
CA ASN A 559 16.69 -8.30 -19.92
C ASN A 559 17.71 -7.67 -18.94
N GLY A 560 18.90 -8.26 -18.83
CA GLY A 560 19.92 -7.70 -17.96
C GLY A 560 19.74 -7.94 -16.47
N GLU A 561 18.54 -8.36 -16.07
CA GLU A 561 18.31 -8.62 -14.66
C GLU A 561 18.91 -9.99 -14.42
N ARG A 562 19.17 -10.35 -13.16
CA ARG A 562 19.74 -11.64 -12.84
C ARG A 562 19.10 -12.28 -11.64
N ILE A 563 17.92 -11.83 -11.25
CA ILE A 563 17.28 -12.41 -10.08
C ILE A 563 15.81 -12.76 -10.28
N MET A 564 15.39 -13.85 -9.67
CA MET A 564 14.00 -14.31 -9.75
C MET A 564 13.23 -13.48 -8.74
N SER A 565 12.10 -12.92 -9.17
CA SER A 565 11.27 -12.09 -8.28
C SER A 565 9.77 -12.14 -8.60
N GLY A 566 8.97 -11.68 -7.65
CA GLY A 566 7.53 -11.68 -7.85
C GLY A 566 6.96 -10.28 -8.05
N LYS A 567 7.82 -9.33 -8.39
CA LYS A 567 7.39 -7.95 -8.61
C LYS A 567 6.51 -7.85 -9.85
N ALA A 568 6.72 -8.76 -10.80
CA ALA A 568 5.96 -8.77 -12.05
C ALA A 568 4.46 -9.05 -11.87
N ILE A 569 4.13 -10.25 -11.39
CA ILE A 569 2.74 -10.64 -11.17
C ILE A 569 1.98 -9.51 -10.47
N ALA A 570 2.48 -9.14 -9.29
CA ALA A 570 1.89 -8.09 -8.48
C ALA A 570 1.60 -6.81 -9.25
N GLU A 571 2.62 -6.30 -9.95
CA GLU A 571 2.49 -5.08 -10.73
C GLU A 571 1.44 -5.26 -11.83
N TYR A 572 1.17 -6.51 -12.16
CA TYR A 572 0.19 -6.86 -13.19
C TYR A 572 -1.22 -6.87 -12.60
N PHE A 573 -1.37 -7.55 -11.47
CA PHE A 573 -2.66 -7.68 -10.77
C PHE A 573 -2.91 -6.61 -9.74
N GLU A 574 -2.09 -5.56 -9.77
CA GLU A 574 -2.26 -4.50 -8.80
C GLU A 574 -3.67 -3.86 -8.85
N PRO A 575 -4.13 -3.43 -10.03
CA PRO A 575 -5.49 -2.84 -10.01
C PRO A 575 -6.53 -3.80 -9.49
N LEU A 576 -6.27 -5.10 -9.64
CA LEU A 576 -7.20 -6.10 -9.18
C LEU A 576 -7.08 -6.30 -7.67
N ARG A 577 -5.85 -6.35 -7.17
CA ARG A 577 -5.64 -6.55 -5.75
C ARG A 577 -6.41 -5.49 -4.94
N VAL A 578 -6.24 -4.21 -5.30
CA VAL A 578 -6.95 -3.14 -4.57
C VAL A 578 -8.43 -3.07 -4.92
N TRP A 579 -9.00 -4.16 -5.41
CA TRP A 579 -10.42 -4.16 -5.75
C TRP A 579 -11.11 -5.18 -4.85
N LEU A 580 -10.31 -6.08 -4.28
CA LEU A 580 -10.81 -7.13 -3.40
C LEU A 580 -10.86 -6.72 -1.94
N GLU A 581 -9.79 -6.10 -1.46
CA GLU A 581 -9.71 -5.65 -0.07
C GLU A 581 -10.88 -4.71 0.24
N ALA A 582 -11.45 -4.15 -0.82
CA ALA A 582 -12.58 -3.21 -0.71
C ALA A 582 -13.91 -3.93 -0.94
N GLU A 583 -13.97 -4.70 -2.02
CA GLU A 583 -15.17 -5.47 -2.34
C GLU A 583 -15.45 -6.51 -1.25
N ASN A 584 -14.39 -7.16 -0.74
CA ASN A 584 -14.53 -8.17 0.30
C ASN A 584 -14.98 -7.60 1.64
N ILE A 585 -14.96 -6.28 1.75
CA ILE A 585 -15.40 -5.60 2.94
C ILE A 585 -16.80 -5.04 2.68
N LYS A 586 -17.15 -4.86 1.41
CA LYS A 586 -18.46 -4.35 1.02
C LYS A 586 -19.48 -5.48 1.12
N ASN A 587 -19.05 -6.69 0.81
CA ASN A 587 -19.94 -7.83 0.91
C ASN A 587 -19.71 -8.50 2.24
N ASN A 588 -18.73 -7.97 2.99
CA ASN A 588 -18.40 -8.52 4.29
C ASN A 588 -17.98 -9.98 4.11
N VAL A 589 -16.87 -10.16 3.39
CA VAL A 589 -16.36 -11.48 3.06
C VAL A 589 -15.30 -11.99 4.03
N HIS A 590 -15.45 -13.25 4.43
CA HIS A 590 -14.52 -13.89 5.36
C HIS A 590 -13.20 -14.33 4.75
N ILE A 591 -12.10 -13.85 5.31
CA ILE A 591 -10.77 -14.20 4.83
C ILE A 591 -10.18 -15.33 5.69
N GLY A 592 -9.37 -16.19 5.08
CA GLY A 592 -8.76 -17.27 5.82
C GLY A 592 -9.75 -18.38 6.06
N TRP A 593 -9.27 -19.54 6.54
CA TRP A 593 -10.15 -20.68 6.78
C TRP A 593 -9.62 -21.52 7.93
N ILE A 594 -10.51 -22.24 8.60
CA ILE A 594 -10.08 -23.09 9.70
C ILE A 594 -9.67 -24.45 9.11
N THR A 595 -8.87 -25.24 9.83
CA THR A 595 -8.41 -26.52 9.27
C THR A 595 -9.50 -27.46 8.81
N SER A 596 -9.12 -28.38 7.92
CA SER A 596 -10.05 -29.32 7.34
C SER A 596 -10.29 -30.57 8.16
N ASN A 597 -11.42 -31.20 7.87
CA ASN A 597 -11.89 -32.43 8.51
C ASN A 597 -12.16 -33.47 7.43
N LYS A 598 -11.57 -33.27 6.25
CA LYS A 598 -11.77 -34.17 5.11
C LYS A 598 -10.88 -35.41 5.04
N CYS A 599 -9.87 -35.50 5.90
CA CYS A 599 -8.98 -36.67 5.95
C CYS A 599 -9.14 -37.34 7.31
N VAL A 600 -9.28 -38.67 7.33
CA VAL A 600 -9.43 -39.41 8.58
C VAL A 600 -8.86 -40.80 8.41
N SER A 601 -9.63 -41.80 8.85
CA SER A 601 -9.28 -43.21 8.75
C SER A 601 -10.51 -44.11 8.89
N SER A 602 -11.52 -43.87 8.04
CA SER A 602 -12.77 -44.65 7.97
C SER A 602 -13.84 -44.53 9.04
N HIS A 603 -15.05 -44.94 8.65
CA HIS A 603 -16.23 -44.99 9.49
C HIS A 603 -17.43 -45.48 8.67
N HIS A 604 -18.13 -46.49 9.18
CA HIS A 604 -19.27 -47.06 8.47
C HIS A 604 -20.55 -47.19 9.27
N HIS A 605 -21.68 -47.21 8.56
CA HIS A 605 -23.00 -47.32 9.16
C HIS A 605 -23.61 -48.71 8.94
N HIS A 606 -22.76 -49.70 8.68
CA HIS A 606 -23.23 -51.07 8.47
C HIS A 606 -22.32 -52.01 9.24
N HIS A 607 -22.91 -53.06 9.82
CA HIS A 607 -22.13 -54.02 10.59
C HIS A 607 -21.36 -54.96 9.67
N ILE B 10 -32.84 -2.61 5.20
CA ILE B 10 -31.77 -2.65 4.16
C ILE B 10 -30.51 -1.98 4.70
N GLN B 11 -30.27 -2.20 5.99
CA GLN B 11 -29.13 -1.65 6.73
C GLN B 11 -27.85 -1.45 5.92
N ALA B 12 -26.98 -0.61 6.47
CA ALA B 12 -25.68 -0.29 5.90
C ALA B 12 -24.80 -0.07 7.12
N LYS B 13 -25.42 -0.16 8.30
CA LYS B 13 -24.73 0.01 9.57
C LYS B 13 -23.64 -1.04 9.64
N GLU B 14 -24.00 -2.28 9.31
CA GLU B 14 -23.01 -3.36 9.34
C GLU B 14 -21.84 -3.03 8.40
N TYR B 15 -22.14 -2.44 7.25
CA TYR B 15 -21.08 -2.07 6.30
C TYR B 15 -20.17 -0.97 6.85
N LEU B 16 -20.76 0.08 7.44
CA LEU B 16 -19.97 1.18 7.98
C LEU B 16 -19.12 0.70 9.14
N GLU B 17 -19.66 -0.17 9.98
CA GLU B 17 -18.89 -0.68 11.10
C GLU B 17 -17.62 -1.34 10.57
N ASN B 18 -17.78 -2.31 9.68
CA ASN B 18 -16.65 -3.01 9.11
C ASN B 18 -15.70 -2.04 8.41
N LEU B 19 -16.27 -1.08 7.67
CA LEU B 19 -15.49 -0.10 6.94
C LEU B 19 -14.63 0.75 7.86
N ASN B 20 -15.25 1.45 8.81
CA ASN B 20 -14.48 2.30 9.71
C ASN B 20 -13.34 1.49 10.31
N LYS B 21 -13.62 0.25 10.71
CA LYS B 21 -12.58 -0.58 11.29
C LYS B 21 -11.42 -0.80 10.31
N GLU B 22 -11.72 -0.83 9.02
CA GLU B 22 -10.66 -1.03 8.04
C GLU B 22 -9.96 0.31 7.83
N LEU B 23 -10.73 1.38 7.74
CA LEU B 23 -10.14 2.71 7.58
C LEU B 23 -9.19 2.95 8.74
N ALA B 24 -9.66 2.69 9.96
CA ALA B 24 -8.85 2.90 11.16
C ALA B 24 -7.59 2.06 11.12
N LYS B 25 -7.74 0.78 10.78
CA LYS B 25 -6.61 -0.13 10.69
C LYS B 25 -5.60 0.45 9.71
N ARG B 26 -6.10 0.98 8.59
CA ARG B 26 -5.26 1.54 7.54
C ARG B 26 -4.69 2.92 7.78
N THR B 27 -5.46 3.80 8.41
CA THR B 27 -4.91 5.11 8.67
C THR B 27 -3.80 4.96 9.71
N ASN B 28 -3.84 3.89 10.50
CA ASN B 28 -2.80 3.66 11.52
C ASN B 28 -1.46 3.48 10.80
N VAL B 29 -1.46 2.68 9.74
CA VAL B 29 -0.24 2.46 8.97
C VAL B 29 0.27 3.76 8.34
N GLU B 30 -0.65 4.62 7.91
CA GLU B 30 -0.26 5.91 7.31
C GLU B 30 0.32 6.81 8.39
N THR B 31 -0.33 6.82 9.55
CA THR B 31 0.13 7.64 10.65
C THR B 31 1.56 7.25 11.09
N GLU B 32 1.86 5.95 11.14
CA GLU B 32 3.20 5.50 11.52
C GLU B 32 4.30 5.99 10.57
N ALA B 33 3.99 6.12 9.28
CA ALA B 33 4.98 6.60 8.31
C ALA B 33 5.14 8.11 8.47
N ALA B 34 4.01 8.81 8.56
CA ALA B 34 4.02 10.26 8.72
C ALA B 34 4.81 10.57 9.98
N TRP B 35 4.63 9.75 11.01
CA TRP B 35 5.34 9.95 12.27
C TRP B 35 6.82 9.64 12.14
N ALA B 36 7.14 8.53 11.49
CA ALA B 36 8.52 8.14 11.32
C ALA B 36 9.25 9.21 10.54
N TYR B 37 8.56 9.77 9.55
CA TYR B 37 9.15 10.80 8.71
C TYR B 37 9.40 12.09 9.44
N ARG B 38 8.37 12.57 10.13
CA ARG B 38 8.47 13.82 10.85
C ARG B 38 9.38 13.77 12.07
N SER B 39 9.90 12.58 12.37
CA SER B 39 10.80 12.40 13.50
C SER B 39 12.23 12.29 12.96
N ALA B 40 12.35 11.81 11.71
CA ALA B 40 13.64 11.65 11.02
C ALA B 40 13.31 11.89 9.58
N ILE B 41 13.69 13.06 9.08
CA ILE B 41 13.44 13.45 7.70
C ILE B 41 14.48 12.89 6.75
N THR B 42 14.19 11.71 6.22
CA THR B 42 15.07 11.05 5.26
C THR B 42 14.24 10.89 4.00
N ASP B 43 14.89 10.58 2.88
CA ASP B 43 14.16 10.37 1.64
C ASP B 43 13.38 9.07 1.67
N GLU B 44 13.93 8.07 2.33
CA GLU B 44 13.29 6.76 2.43
C GLU B 44 11.97 6.88 3.12
N ASN B 45 11.98 7.51 4.29
CA ASN B 45 10.76 7.69 5.07
C ASN B 45 9.77 8.52 4.29
N GLU B 46 10.25 9.49 3.54
CA GLU B 46 9.36 10.34 2.75
C GLU B 46 8.67 9.50 1.68
N LYS B 47 9.46 8.67 1.02
CA LYS B 47 8.98 7.79 -0.05
C LYS B 47 7.94 6.82 0.50
N LYS B 48 8.24 6.18 1.62
CA LYS B 48 7.31 5.23 2.24
C LYS B 48 6.04 5.96 2.65
N LYS B 49 6.22 7.09 3.31
CA LYS B 49 5.13 7.94 3.78
C LYS B 49 4.16 8.22 2.65
N ASN B 50 4.64 8.84 1.58
CA ASN B 50 3.75 9.14 0.46
C ASN B 50 3.20 7.87 -0.20
N GLU B 51 3.91 6.75 -0.01
CA GLU B 51 3.47 5.50 -0.60
C GLU B 51 2.24 4.94 0.11
N ILE B 52 2.19 5.08 1.44
CA ILE B 52 1.05 4.62 2.22
C ILE B 52 -0.15 5.47 1.80
N SER B 53 0.05 6.78 1.83
CA SER B 53 -1.00 7.73 1.45
C SER B 53 -1.54 7.41 0.05
N ALA B 54 -0.66 6.95 -0.84
CA ALA B 54 -1.07 6.61 -2.20
C ALA B 54 -1.93 5.35 -2.24
N GLU B 55 -1.55 4.31 -1.49
CA GLU B 55 -2.35 3.09 -1.48
C GLU B 55 -3.71 3.41 -0.87
N LEU B 56 -3.70 4.15 0.23
CA LEU B 56 -4.93 4.51 0.89
C LEU B 56 -5.85 5.27 -0.07
N ALA B 57 -5.28 6.21 -0.81
CA ALA B 57 -6.06 7.01 -1.76
C ALA B 57 -6.84 6.15 -2.76
N LYS B 58 -6.28 5.02 -3.18
CA LYS B 58 -6.97 4.13 -4.13
C LYS B 58 -8.06 3.35 -3.40
N PHE B 59 -7.79 2.99 -2.15
CA PHE B 59 -8.75 2.25 -1.38
C PHE B 59 -9.97 3.15 -1.17
N MET B 60 -9.71 4.43 -0.91
CA MET B 60 -10.78 5.41 -0.72
C MET B 60 -11.64 5.53 -1.98
N LYS B 61 -10.99 5.69 -3.13
CA LYS B 61 -11.70 5.80 -4.39
C LYS B 61 -12.53 4.55 -4.56
N GLU B 62 -11.92 3.41 -4.29
CA GLU B 62 -12.59 2.12 -4.43
C GLU B 62 -13.74 1.93 -3.48
N VAL B 63 -13.76 2.74 -2.42
CA VAL B 63 -14.81 2.69 -1.43
C VAL B 63 -15.82 3.79 -1.77
N ALA B 64 -15.34 4.78 -2.51
CA ALA B 64 -16.19 5.88 -2.93
C ALA B 64 -17.20 5.37 -3.95
N SER B 65 -16.78 4.36 -4.73
CA SER B 65 -17.66 3.79 -5.74
C SER B 65 -18.54 2.66 -5.21
N ASP B 66 -18.19 2.10 -4.06
CA ASP B 66 -18.98 1.01 -3.48
C ASP B 66 -20.26 1.58 -2.87
N THR B 67 -20.17 2.78 -2.31
CA THR B 67 -21.33 3.41 -1.70
C THR B 67 -22.42 3.68 -2.72
N THR B 68 -22.12 3.48 -4.01
CA THR B 68 -23.12 3.69 -5.03
C THR B 68 -24.19 2.65 -4.76
N LYS B 69 -23.75 1.53 -4.19
CA LYS B 69 -24.62 0.42 -3.83
C LYS B 69 -25.66 0.93 -2.84
N PHE B 70 -25.21 1.16 -1.61
CA PHE B 70 -26.07 1.66 -0.54
C PHE B 70 -26.53 3.09 -0.85
N GLN B 71 -27.82 3.27 -1.12
CA GLN B 71 -28.33 4.61 -1.43
C GLN B 71 -28.73 5.34 -0.15
N TRP B 72 -27.74 5.86 0.57
CA TRP B 72 -27.94 6.58 1.82
C TRP B 72 -28.70 7.91 1.73
N ARG B 73 -28.59 8.58 0.59
CA ARG B 73 -29.26 9.86 0.38
C ARG B 73 -30.77 9.75 0.49
N SER B 74 -31.25 8.82 1.31
CA SER B 74 -32.68 8.62 1.51
C SER B 74 -32.93 7.64 2.66
N TYR B 75 -31.89 7.39 3.44
CA TYR B 75 -31.99 6.46 4.58
C TYR B 75 -32.84 6.97 5.75
N GLN B 76 -32.91 6.15 6.80
CA GLN B 76 -33.68 6.48 7.98
C GLN B 76 -32.88 7.24 9.04
N SER B 77 -32.19 6.49 9.92
CA SER B 77 -31.38 7.08 10.98
C SER B 77 -30.26 7.90 10.37
N GLU B 78 -30.20 9.19 10.68
CA GLU B 78 -29.15 10.03 10.10
C GLU B 78 -27.78 9.97 10.76
N ASP B 79 -27.64 9.16 11.80
CA ASP B 79 -26.34 9.00 12.41
C ASP B 79 -25.58 8.23 11.34
N LEU B 80 -26.25 7.21 10.82
CA LEU B 80 -25.69 6.34 9.78
C LEU B 80 -25.56 7.11 8.47
N LYS B 81 -26.54 7.94 8.16
CA LYS B 81 -26.52 8.73 6.92
C LYS B 81 -25.51 9.86 7.00
N ARG B 82 -25.09 10.20 8.22
CA ARG B 82 -24.11 11.26 8.44
C ARG B 82 -22.76 10.68 8.05
N GLN B 83 -22.53 9.42 8.44
CA GLN B 83 -21.29 8.74 8.15
C GLN B 83 -21.04 8.61 6.65
N PHE B 84 -22.09 8.33 5.89
CA PHE B 84 -21.94 8.19 4.44
C PHE B 84 -21.57 9.48 3.75
N LYS B 85 -22.26 10.57 4.07
CA LYS B 85 -21.93 11.85 3.46
C LYS B 85 -20.49 12.17 3.83
N ALA B 86 -20.07 11.69 5.00
CA ALA B 86 -18.73 11.95 5.49
C ALA B 86 -17.63 11.18 4.76
N LEU B 87 -17.82 9.88 4.61
CA LEU B 87 -16.83 9.04 3.92
C LEU B 87 -16.85 9.22 2.40
N THR B 88 -18.03 9.41 1.81
CA THR B 88 -18.12 9.60 0.37
C THR B 88 -17.34 10.85 0.01
N LYS B 89 -17.26 11.78 0.95
CA LYS B 89 -16.53 13.03 0.72
C LYS B 89 -15.05 12.76 0.74
N LEU B 90 -14.48 12.59 -0.44
CA LEU B 90 -13.06 12.36 -0.56
C LEU B 90 -12.39 13.72 -0.54
N GLY B 91 -11.12 13.76 -0.23
CA GLY B 91 -10.41 15.03 -0.25
C GLY B 91 -9.56 15.02 -1.50
N TYR B 92 -8.24 15.06 -1.33
CA TYR B 92 -7.33 15.03 -2.44
C TYR B 92 -7.35 13.67 -3.14
N ALA B 93 -8.13 12.74 -2.59
CA ALA B 93 -8.24 11.40 -3.16
C ALA B 93 -9.13 11.37 -4.41
N ALA B 94 -10.02 12.35 -4.55
CA ALA B 94 -10.87 12.36 -5.73
C ALA B 94 -9.97 12.64 -6.93
N LEU B 95 -8.76 13.11 -6.65
CA LEU B 95 -7.76 13.46 -7.65
C LEU B 95 -7.26 12.23 -8.41
N PRO B 96 -7.05 12.34 -9.73
CA PRO B 96 -6.57 11.14 -10.42
C PRO B 96 -5.16 10.79 -9.95
N GLU B 97 -4.87 9.49 -9.97
CA GLU B 97 -3.60 8.94 -9.50
C GLU B 97 -2.33 9.72 -9.81
N ASP B 98 -2.18 10.17 -11.05
CA ASP B 98 -0.99 10.93 -11.42
C ASP B 98 -0.86 12.23 -10.60
N ASP B 99 -1.95 13.00 -10.55
CA ASP B 99 -1.92 14.26 -9.80
C ASP B 99 -1.64 14.02 -8.32
N TYR B 100 -2.39 13.12 -7.70
CA TYR B 100 -2.23 12.81 -6.30
C TYR B 100 -0.78 12.56 -5.86
N ALA B 101 -0.05 11.78 -6.64
CA ALA B 101 1.34 11.51 -6.31
C ALA B 101 2.12 12.81 -6.49
N GLU B 102 1.70 13.60 -7.47
CA GLU B 102 2.38 14.86 -7.70
C GLU B 102 2.05 15.84 -6.60
N LEU B 103 0.87 15.69 -5.99
CA LEU B 103 0.50 16.58 -4.89
C LEU B 103 1.31 16.18 -3.68
N LEU B 104 1.28 14.88 -3.36
CA LEU B 104 2.04 14.35 -2.24
C LEU B 104 3.46 14.88 -2.34
N ASP B 105 3.91 15.01 -3.57
CA ASP B 105 5.25 15.48 -3.85
C ASP B 105 5.47 16.98 -3.64
N THR B 106 4.83 17.81 -4.45
CA THR B 106 5.02 19.24 -4.29
C THR B 106 4.80 19.59 -2.80
N LEU B 107 3.89 18.86 -2.16
CA LEU B 107 3.59 19.06 -0.75
C LEU B 107 4.83 18.67 0.03
N SER B 108 5.37 17.48 -0.24
CA SER B 108 6.56 17.00 0.45
C SER B 108 7.70 17.97 0.28
N ALA B 109 7.79 18.58 -0.90
CA ALA B 109 8.86 19.53 -1.16
C ALA B 109 8.80 20.76 -0.24
N MET B 110 7.59 21.26 0.02
CA MET B 110 7.40 22.46 0.85
C MET B 110 7.69 22.15 2.33
N GLU B 111 7.13 21.04 2.80
CA GLU B 111 7.27 20.61 4.17
C GLU B 111 8.71 20.42 4.58
N SER B 112 9.45 19.70 3.75
CA SER B 112 10.85 19.44 4.02
C SER B 112 11.64 20.72 3.84
N ASN B 113 11.29 21.52 2.84
CA ASN B 113 12.02 22.76 2.66
C ASN B 113 11.98 23.59 3.93
N PHE B 114 10.77 23.73 4.48
CA PHE B 114 10.57 24.50 5.71
C PHE B 114 11.42 23.97 6.87
N ALA B 115 11.28 22.68 7.15
CA ALA B 115 12.01 22.05 8.24
C ALA B 115 13.53 22.02 8.10
N LYS B 116 14.05 22.15 6.88
CA LYS B 116 15.50 22.10 6.70
C LYS B 116 16.19 23.45 6.66
N VAL B 117 15.43 24.51 6.86
CA VAL B 117 16.03 25.84 6.81
C VAL B 117 17.13 26.00 7.84
N LYS B 118 18.19 26.69 7.44
CA LYS B 118 19.34 26.97 8.29
C LYS B 118 19.91 28.33 7.85
N VAL B 119 20.34 29.15 8.81
CA VAL B 119 20.94 30.45 8.47
C VAL B 119 22.20 30.62 9.35
N CYS B 120 23.08 31.55 8.99
CA CYS B 120 24.33 31.77 9.75
C CYS B 120 24.23 32.92 10.77
N ASP B 121 24.87 32.81 11.95
CA ASP B 121 24.78 33.89 12.94
C ASP B 121 25.15 35.19 12.24
N TYR B 122 24.43 36.22 12.63
CA TYR B 122 24.64 37.56 12.12
C TYR B 122 26.04 37.97 12.56
N LYS B 123 26.56 37.27 13.57
CA LYS B 123 27.90 37.53 14.12
C LYS B 123 28.95 36.45 13.85
N ASP B 124 28.65 35.47 13.00
CA ASP B 124 29.62 34.42 12.67
C ASP B 124 29.23 33.71 11.37
N SER B 125 29.65 34.25 10.24
CA SER B 125 29.32 33.69 8.95
C SER B 125 29.86 32.27 8.75
N THR B 126 30.43 31.73 9.82
CA THR B 126 31.01 30.38 9.80
C THR B 126 30.03 29.31 10.29
N LYS B 127 29.15 29.67 11.23
CA LYS B 127 28.20 28.70 11.79
C LYS B 127 27.12 28.13 10.87
N CYS B 128 26.35 29.00 10.22
CA CYS B 128 25.30 28.54 9.31
C CYS B 128 24.54 27.26 9.69
N ASP B 129 24.31 27.02 10.98
CA ASP B 129 23.57 25.82 11.36
C ASP B 129 22.44 26.07 12.34
N LEU B 130 22.05 27.34 12.52
CA LEU B 130 20.96 27.71 13.41
C LEU B 130 19.63 27.38 12.73
N ALA B 131 18.70 26.80 13.46
CA ALA B 131 17.42 26.45 12.87
C ALA B 131 16.35 27.36 13.41
N LEU B 132 15.14 27.23 12.90
CA LEU B 132 14.05 28.06 13.36
C LEU B 132 13.62 27.75 14.78
N ASP B 133 13.89 26.53 15.25
CA ASP B 133 13.43 26.19 16.58
C ASP B 133 14.33 26.74 17.67
N PRO B 134 15.48 26.14 17.91
CA PRO B 134 16.19 26.82 18.98
C PRO B 134 16.65 28.24 18.63
N GLU B 135 17.85 28.32 18.09
CA GLU B 135 18.49 29.59 17.75
C GLU B 135 17.68 30.76 17.21
N ILE B 136 17.25 30.69 15.96
CA ILE B 136 16.51 31.81 15.36
C ILE B 136 15.31 32.34 16.15
N GLU B 137 14.39 31.49 16.56
CA GLU B 137 13.24 31.97 17.32
C GLU B 137 13.66 32.55 18.66
N GLU B 138 14.84 32.15 19.13
CA GLU B 138 15.36 32.65 20.40
C GLU B 138 15.82 34.09 20.20
N VAL B 139 16.45 34.36 19.06
CA VAL B 139 16.94 35.69 18.72
C VAL B 139 15.79 36.69 18.52
N ILE B 140 14.85 36.35 17.63
CA ILE B 140 13.72 37.24 17.35
C ILE B 140 12.89 37.52 18.59
N SER B 141 13.20 36.84 19.69
CA SER B 141 12.44 37.00 20.91
C SER B 141 13.19 37.69 22.06
N LYS B 142 14.51 37.70 22.00
CA LYS B 142 15.30 38.32 23.04
C LYS B 142 16.11 39.52 22.58
N SER B 143 16.42 39.57 21.29
CA SER B 143 17.20 40.66 20.71
C SER B 143 16.41 41.95 20.54
N ARG B 144 17.07 43.07 20.83
CA ARG B 144 16.45 44.40 20.70
C ARG B 144 17.31 45.25 19.77
N ASP B 145 17.91 44.58 18.80
CA ASP B 145 18.76 45.21 17.80
C ASP B 145 17.91 45.05 16.56
N HIS B 146 17.33 46.15 16.09
CA HIS B 146 16.47 46.09 14.92
C HIS B 146 17.20 45.58 13.68
N GLU B 147 18.49 45.93 13.56
CA GLU B 147 19.29 45.51 12.41
C GLU B 147 19.48 43.99 12.39
N GLU B 148 19.81 43.43 13.56
CA GLU B 148 20.01 41.99 13.70
C GLU B 148 18.66 41.28 13.50
N LEU B 149 17.59 41.83 14.06
CA LEU B 149 16.29 41.20 13.92
C LEU B 149 15.92 41.14 12.44
N ALA B 150 16.15 42.25 11.74
CA ALA B 150 15.84 42.29 10.32
C ALA B 150 16.66 41.18 9.65
N TYR B 151 17.94 41.11 9.98
CA TYR B 151 18.80 40.09 9.40
C TYR B 151 18.17 38.73 9.42
N TYR B 152 17.74 38.28 10.61
CA TYR B 152 17.11 36.98 10.74
C TYR B 152 15.79 36.87 10.04
N TRP B 153 15.11 38.01 9.85
CA TRP B 153 13.84 38.00 9.14
C TRP B 153 14.13 37.77 7.64
N ARG B 154 14.98 38.63 7.08
CA ARG B 154 15.31 38.51 5.67
C ARG B 154 15.81 37.11 5.31
N GLU B 155 16.72 36.57 6.12
CA GLU B 155 17.30 35.24 5.87
C GLU B 155 16.30 34.13 5.94
N PHE B 156 15.44 34.13 6.95
CA PHE B 156 14.44 33.08 7.06
C PHE B 156 13.37 33.16 5.98
N TYR B 157 12.88 34.36 5.66
CA TYR B 157 11.87 34.46 4.62
C TYR B 157 12.31 34.04 3.23
N ASP B 158 13.55 34.39 2.85
CA ASP B 158 14.07 34.03 1.53
C ASP B 158 14.15 32.50 1.34
N LYS B 159 14.50 31.80 2.42
CA LYS B 159 14.65 30.36 2.40
C LYS B 159 13.37 29.56 2.55
N ALA B 160 12.57 29.90 3.55
CA ALA B 160 11.32 29.20 3.87
C ALA B 160 10.15 29.63 2.99
N GLY B 161 10.21 30.85 2.47
CA GLY B 161 9.13 31.30 1.61
C GLY B 161 9.50 31.19 0.13
N THR B 162 10.24 32.18 -0.33
CA THR B 162 10.67 32.28 -1.72
C THR B 162 11.08 30.97 -2.37
N ALA B 163 11.98 30.24 -1.73
CA ALA B 163 12.48 28.99 -2.28
C ALA B 163 11.41 28.00 -2.75
N VAL B 164 10.16 28.20 -2.37
CA VAL B 164 9.15 27.24 -2.76
C VAL B 164 7.86 27.79 -3.48
N ARG B 165 8.00 28.84 -4.29
CA ARG B 165 6.83 29.38 -4.99
C ARG B 165 6.26 28.41 -6.03
N SER B 166 7.13 27.63 -6.65
CA SER B 166 6.73 26.64 -7.66
C SER B 166 5.82 25.58 -7.06
N GLN B 167 6.30 24.94 -6.01
CA GLN B 167 5.52 23.90 -5.35
C GLN B 167 4.16 24.51 -4.98
N PHE B 168 4.24 25.60 -4.22
CA PHE B 168 3.04 26.27 -3.77
C PHE B 168 2.05 26.56 -4.90
N GLU B 169 2.53 27.01 -6.05
CA GLU B 169 1.65 27.32 -7.18
C GLU B 169 0.96 26.06 -7.73
N ARG B 170 1.72 24.98 -7.90
CA ARG B 170 1.16 23.72 -8.42
C ARG B 170 0.15 23.17 -7.42
N TYR B 171 0.42 23.45 -6.14
CA TYR B 171 -0.45 23.00 -5.06
C TYR B 171 -1.81 23.67 -5.19
N VAL B 172 -1.81 24.99 -5.24
CA VAL B 172 -3.04 25.71 -5.38
C VAL B 172 -3.86 25.21 -6.56
N GLU B 173 -3.18 24.96 -7.69
CA GLU B 173 -3.85 24.47 -8.90
C GLU B 173 -4.43 23.09 -8.68
N LEU B 174 -3.71 22.25 -7.93
CA LEU B 174 -4.18 20.90 -7.65
C LEU B 174 -5.21 20.92 -6.55
N ASN B 175 -4.94 21.71 -5.52
CA ASN B 175 -5.86 21.82 -4.42
C ASN B 175 -7.23 22.23 -4.97
N THR B 176 -7.23 23.13 -5.96
CA THR B 176 -8.48 23.57 -6.57
C THR B 176 -9.12 22.47 -7.40
N LYS B 177 -8.29 21.71 -8.10
CA LYS B 177 -8.80 20.64 -8.93
C LYS B 177 -9.51 19.58 -8.09
N ALA B 178 -8.88 19.20 -7.00
CA ALA B 178 -9.45 18.20 -6.11
C ALA B 178 -10.74 18.72 -5.49
N ALA B 179 -10.86 20.03 -5.37
CA ALA B 179 -12.05 20.64 -4.78
C ALA B 179 -13.25 20.44 -5.67
N LYS B 180 -13.09 20.80 -6.95
CA LYS B 180 -14.17 20.67 -7.92
C LYS B 180 -14.54 19.21 -8.18
N LEU B 181 -13.62 18.29 -7.93
CA LEU B 181 -13.91 16.87 -8.13
C LEU B 181 -14.84 16.34 -7.03
N ASN B 182 -14.93 17.09 -5.93
CA ASN B 182 -15.77 16.72 -4.82
C ASN B 182 -16.99 17.62 -4.73
N ASN B 183 -17.20 18.42 -5.78
CA ASN B 183 -18.33 19.34 -5.90
C ASN B 183 -18.21 20.67 -5.13
N PHE B 184 -17.00 21.04 -4.75
CA PHE B 184 -16.80 22.31 -4.04
C PHE B 184 -16.38 23.39 -5.07
N THR B 185 -16.75 24.63 -4.79
CA THR B 185 -16.43 25.76 -5.67
C THR B 185 -14.93 25.93 -5.82
N SER B 186 -14.22 25.57 -4.76
CA SER B 186 -12.76 25.64 -4.70
C SER B 186 -12.35 25.17 -3.32
N GLY B 187 -11.07 24.89 -3.15
CA GLY B 187 -10.59 24.46 -1.86
C GLY B 187 -11.05 25.39 -0.75
N ALA B 188 -11.34 26.64 -1.11
CA ALA B 188 -11.78 27.64 -0.14
C ALA B 188 -13.06 27.24 0.54
N GLU B 189 -14.07 26.86 -0.23
CA GLU B 189 -15.34 26.47 0.35
C GLU B 189 -15.23 25.04 0.86
N ALA B 190 -14.18 24.35 0.41
CA ALA B 190 -13.93 22.97 0.84
C ALA B 190 -13.62 22.96 2.34
N TRP B 191 -12.68 23.81 2.75
CA TRP B 191 -12.33 23.92 4.15
C TRP B 191 -13.53 24.39 4.96
N LEU B 192 -14.25 25.39 4.46
CA LEU B 192 -15.42 25.89 5.18
C LEU B 192 -16.50 24.82 5.42
N ASP B 193 -16.61 23.84 4.54
CA ASP B 193 -17.60 22.79 4.74
C ASP B 193 -17.40 22.16 6.11
N GLU B 194 -16.17 22.19 6.62
CA GLU B 194 -15.83 21.61 7.95
C GLU B 194 -16.60 22.25 9.11
N TYR B 195 -17.05 23.48 8.93
CA TYR B 195 -17.79 24.18 9.98
C TYR B 195 -19.31 23.97 9.82
N GLU B 196 -19.68 23.32 8.72
CA GLU B 196 -21.09 23.03 8.42
C GLU B 196 -22.04 24.20 8.74
N ASP B 197 -21.82 25.34 8.08
CA ASP B 197 -22.68 26.50 8.28
C ASP B 197 -22.42 27.50 7.17
N ASP B 198 -23.37 27.62 6.25
CA ASP B 198 -23.21 28.51 5.10
C ASP B 198 -22.94 29.99 5.38
N THR B 199 -23.04 30.43 6.63
CA THR B 199 -22.77 31.83 6.99
C THR B 199 -21.65 31.95 8.02
N PHE B 200 -20.75 30.97 8.04
CA PHE B 200 -19.64 30.96 8.98
C PHE B 200 -18.61 32.07 8.71
N GLU B 201 -18.34 32.33 7.45
CA GLU B 201 -17.38 33.38 7.11
C GLU B 201 -17.91 34.75 7.53
N GLN B 202 -19.22 34.93 7.45
CA GLN B 202 -19.83 36.20 7.85
C GLN B 202 -19.87 36.29 9.37
N GLN B 203 -20.11 35.17 10.04
CA GLN B 203 -20.15 35.14 11.50
C GLN B 203 -18.77 35.56 11.99
N LEU B 204 -17.74 35.03 11.33
CA LEU B 204 -16.37 35.33 11.70
C LEU B 204 -15.96 36.75 11.29
N GLU B 205 -16.71 37.34 10.38
CA GLU B 205 -16.43 38.69 9.94
C GLU B 205 -17.02 39.70 10.97
N ASP B 206 -18.18 39.34 11.51
CA ASP B 206 -18.86 40.19 12.48
C ASP B 206 -18.14 40.28 13.81
N ILE B 207 -17.64 39.16 14.30
CA ILE B 207 -16.92 39.18 15.57
C ILE B 207 -15.64 39.97 15.42
N PHE B 208 -14.90 39.75 14.34
CA PHE B 208 -13.65 40.49 14.17
C PHE B 208 -13.99 41.96 14.17
N ALA B 209 -15.06 42.32 13.47
CA ALA B 209 -15.48 43.71 13.40
C ALA B 209 -15.68 44.29 14.81
N ASP B 210 -16.26 43.47 15.69
CA ASP B 210 -16.52 43.87 17.08
C ASP B 210 -15.28 44.02 17.97
N ILE B 211 -14.25 43.25 17.70
CA ILE B 211 -13.05 43.32 18.53
C ILE B 211 -11.98 44.19 17.88
N ARG B 212 -12.13 44.45 16.58
CA ARG B 212 -11.17 45.29 15.84
C ARG B 212 -10.85 46.55 16.59
N PRO B 213 -11.86 47.27 17.06
CA PRO B 213 -11.59 48.51 17.81
C PRO B 213 -10.67 48.19 19.00
N LEU B 214 -10.90 47.06 19.63
CA LEU B 214 -10.04 46.69 20.74
C LEU B 214 -8.63 46.42 20.20
N TYR B 215 -8.53 45.75 19.06
CA TYR B 215 -7.21 45.45 18.53
C TYR B 215 -6.31 46.69 18.33
N GLN B 216 -6.90 47.78 17.86
CA GLN B 216 -6.15 49.00 17.60
C GLN B 216 -5.79 49.84 18.81
N GLN B 217 -6.42 49.54 19.94
CA GLN B 217 -6.13 50.27 21.17
C GLN B 217 -4.89 49.63 21.77
N ILE B 218 -4.52 48.48 21.21
CA ILE B 218 -3.36 47.71 21.61
C ILE B 218 -2.26 48.03 20.60
N HIS B 219 -2.66 47.98 19.32
CA HIS B 219 -1.77 48.25 18.22
C HIS B 219 -1.09 49.61 18.36
N GLY B 220 -1.89 50.67 18.30
CA GLY B 220 -1.37 52.02 18.43
C GLY B 220 -0.50 52.18 19.65
N TYR B 221 -0.91 51.56 20.76
CA TYR B 221 -0.16 51.65 22.01
C TYR B 221 1.18 50.94 21.87
N VAL B 222 1.16 49.74 21.31
CA VAL B 222 2.37 48.97 21.11
C VAL B 222 3.30 49.72 20.16
N ARG B 223 2.70 50.54 19.30
CA ARG B 223 3.46 51.34 18.34
C ARG B 223 4.00 52.59 19.03
N PHE B 224 3.39 52.94 20.16
CA PHE B 224 3.80 54.11 20.93
C PHE B 224 5.06 53.87 21.75
N ARG B 225 5.26 52.62 22.18
CA ARG B 225 6.43 52.27 22.99
C ARG B 225 7.63 51.89 22.14
N LEU B 226 7.38 51.16 21.06
CA LEU B 226 8.43 50.72 20.15
C LEU B 226 9.17 51.93 19.56
N ARG B 227 8.40 52.91 19.11
CA ARG B 227 8.97 54.12 18.54
C ARG B 227 9.66 54.95 19.64
N LYS B 228 9.22 54.75 20.87
CA LYS B 228 9.82 55.43 22.01
C LYS B 228 11.08 54.64 22.36
N HIS B 229 11.00 53.32 22.26
CA HIS B 229 12.12 52.47 22.57
C HIS B 229 13.19 52.43 21.46
N TYR B 230 12.81 51.95 20.28
CA TYR B 230 13.71 51.84 19.16
C TYR B 230 14.05 53.16 18.50
N GLY B 231 13.08 54.08 18.47
CA GLY B 231 13.36 55.37 17.88
C GLY B 231 12.56 55.78 16.67
N ASP B 232 12.41 57.08 16.51
CA ASP B 232 11.67 57.66 15.39
C ASP B 232 12.05 57.06 14.03
N ALA B 233 13.34 57.11 13.71
CA ALA B 233 13.85 56.61 12.44
C ALA B 233 13.49 55.16 12.17
N VAL B 234 13.41 54.36 13.22
CA VAL B 234 13.10 52.94 13.12
C VAL B 234 11.59 52.64 13.02
N VAL B 235 10.84 53.04 14.04
CA VAL B 235 9.38 52.85 14.08
C VAL B 235 8.72 54.21 13.88
N SER B 236 7.90 54.36 12.86
CA SER B 236 7.27 55.66 12.63
C SER B 236 5.88 55.70 13.24
N GLU B 237 5.35 56.91 13.44
CA GLU B 237 4.00 57.06 13.98
C GLU B 237 3.03 57.01 12.80
N THR B 238 1.84 56.45 13.01
CA THR B 238 0.83 56.35 11.94
C THR B 238 1.18 55.34 10.85
N GLY B 239 2.42 54.85 10.85
CA GLY B 239 2.83 53.85 9.86
C GLY B 239 2.62 52.44 10.38
N PRO B 240 2.53 51.41 9.51
CA PRO B 240 2.32 50.06 10.06
C PRO B 240 3.57 49.65 10.86
N ILE B 241 3.38 48.86 11.91
CA ILE B 241 4.51 48.46 12.73
C ILE B 241 5.49 47.53 12.03
N PRO B 242 6.77 47.88 12.00
CA PRO B 242 7.74 46.98 11.35
C PRO B 242 7.74 45.66 12.14
N MET B 243 7.15 44.60 11.58
CA MET B 243 7.14 43.31 12.25
C MET B 243 8.63 43.00 12.41
N HIS B 244 9.01 42.15 13.34
CA HIS B 244 10.43 41.81 13.59
C HIS B 244 10.88 42.62 14.79
N LEU B 245 9.99 43.48 15.26
CA LEU B 245 10.24 44.29 16.43
C LEU B 245 9.16 43.79 17.36
N LEU B 246 8.25 42.97 16.81
CA LEU B 246 7.14 42.39 17.55
C LEU B 246 7.45 41.07 18.23
N GLY B 247 8.72 40.68 18.20
CA GLY B 247 9.20 39.47 18.87
C GLY B 247 8.79 38.12 18.31
N ASN B 248 7.97 38.12 17.27
CA ASN B 248 7.55 36.88 16.68
C ASN B 248 7.77 36.96 15.19
N MET B 249 8.47 35.98 14.66
CA MET B 249 8.82 35.89 13.24
C MET B 249 7.65 36.24 12.32
N TRP B 250 6.44 35.86 12.73
CA TRP B 250 5.23 36.12 11.95
C TRP B 250 4.38 37.20 12.64
N ALA B 251 4.89 37.74 13.74
CA ALA B 251 4.18 38.76 14.49
C ALA B 251 2.73 38.33 14.83
N GLN B 252 2.49 37.04 14.80
CA GLN B 252 1.17 36.54 15.12
C GLN B 252 0.89 36.75 16.62
N GLN B 253 1.95 36.80 17.44
CA GLN B 253 1.81 37.03 18.89
C GLN B 253 2.96 37.90 19.40
N TRP B 254 2.63 38.92 20.20
CA TRP B 254 3.65 39.87 20.67
C TRP B 254 4.11 39.78 22.12
N SER B 255 3.54 38.88 22.92
CA SER B 255 3.92 38.79 24.34
C SER B 255 5.40 38.78 24.59
N GLU B 256 6.16 38.25 23.62
CA GLU B 256 7.61 38.18 23.73
C GLU B 256 8.32 39.51 23.92
N ILE B 257 7.64 40.61 23.65
CA ILE B 257 8.24 41.93 23.85
C ILE B 257 7.45 42.71 24.90
N ALA B 258 7.22 42.10 26.05
CA ALA B 258 6.46 42.76 27.11
C ALA B 258 7.40 43.50 28.04
N ASP B 259 8.69 43.20 27.94
CA ASP B 259 9.68 43.86 28.79
C ASP B 259 9.91 45.30 28.35
N ILE B 260 9.53 45.63 27.12
CA ILE B 260 9.71 46.98 26.65
C ILE B 260 8.40 47.60 26.19
N VAL B 261 7.30 46.89 26.40
CA VAL B 261 5.98 47.36 25.97
C VAL B 261 4.86 47.34 27.02
N SER B 262 5.10 46.75 28.18
CA SER B 262 4.06 46.67 29.22
C SER B 262 3.72 47.98 29.93
N PRO B 263 2.42 48.20 30.21
CA PRO B 263 1.79 49.34 30.88
C PRO B 263 2.49 49.85 32.13
N PHE B 264 2.99 48.93 32.94
CA PHE B 264 3.67 49.29 34.17
C PHE B 264 4.93 48.45 34.35
N PRO B 265 6.06 48.94 33.84
CA PRO B 265 7.34 48.21 33.97
C PRO B 265 7.80 48.10 35.42
N GLU B 266 7.37 49.03 36.27
CA GLU B 266 7.75 49.01 37.70
C GLU B 266 7.04 47.90 38.46
N LYS B 267 5.80 47.62 38.06
CA LYS B 267 5.01 46.58 38.69
C LYS B 267 5.35 45.25 38.02
N PRO B 268 4.95 44.13 38.64
CA PRO B 268 5.24 42.79 38.08
C PRO B 268 4.69 42.42 36.70
N LEU B 269 5.51 41.68 35.95
CA LEU B 269 5.16 41.18 34.63
C LEU B 269 5.34 39.68 34.67
N VAL B 270 4.25 38.94 34.92
CA VAL B 270 4.33 37.49 34.99
C VAL B 270 5.11 36.85 33.83
N ASP B 271 6.34 36.45 34.12
CA ASP B 271 7.24 35.81 33.15
C ASP B 271 7.96 34.67 33.90
N VAL B 272 7.18 33.64 34.22
CA VAL B 272 7.65 32.47 34.97
C VAL B 272 8.81 31.69 34.37
N SER B 273 9.29 32.08 33.20
CA SER B 273 10.40 31.37 32.57
C SER B 273 11.59 31.16 33.49
N ALA B 274 12.16 32.25 34.00
CA ALA B 274 13.32 32.17 34.89
C ALA B 274 13.17 31.25 36.10
N GLU B 275 12.00 31.28 36.75
CA GLU B 275 11.76 30.43 37.92
C GLU B 275 11.70 28.96 37.59
N MET B 276 11.08 28.63 36.45
CA MET B 276 10.99 27.23 36.03
C MET B 276 12.41 26.72 35.95
N GLU B 277 13.24 27.52 35.26
CA GLU B 277 14.65 27.19 35.04
C GLU B 277 15.45 27.01 36.34
N LYS B 278 15.32 27.95 37.27
CA LYS B 278 16.04 27.88 38.52
C LYS B 278 15.57 26.72 39.38
N GLN B 279 14.34 26.28 39.15
CA GLN B 279 13.76 25.19 39.92
C GLN B 279 14.02 23.80 39.37
N ALA B 280 14.96 23.69 38.44
CA ALA B 280 15.32 22.40 37.86
C ALA B 280 14.24 21.78 36.96
N TYR B 281 13.37 22.62 36.42
CA TYR B 281 12.30 22.17 35.53
C TYR B 281 12.82 21.52 34.24
N THR B 282 12.15 20.43 33.86
CA THR B 282 12.48 19.69 32.64
C THR B 282 11.21 19.47 31.86
N PRO B 283 11.33 19.20 30.55
CA PRO B 283 10.17 18.96 29.70
C PRO B 283 9.24 17.89 30.29
N LEU B 284 9.85 16.81 30.78
CA LEU B 284 9.08 15.71 31.38
C LEU B 284 8.20 16.23 32.52
N LYS B 285 8.81 16.99 33.43
CA LYS B 285 8.10 17.58 34.57
C LYS B 285 6.93 18.40 34.02
N MET B 286 7.20 19.25 33.04
CA MET B 286 6.15 20.07 32.43
C MET B 286 5.02 19.17 31.91
N PHE B 287 5.39 18.06 31.27
CA PHE B 287 4.37 17.16 30.75
C PHE B 287 3.55 16.53 31.88
N GLN B 288 4.22 16.22 32.98
CA GLN B 288 3.55 15.61 34.13
C GLN B 288 2.60 16.63 34.75
N MET B 289 3.04 17.88 34.85
CA MET B 289 2.19 18.91 35.40
C MET B 289 0.97 19.01 34.49
N GLY B 290 1.24 19.05 33.20
CA GLY B 290 0.16 19.14 32.24
C GLY B 290 -0.82 18.01 32.40
N ASP B 291 -0.31 16.83 32.74
CA ASP B 291 -1.14 15.64 32.91
C ASP B 291 -1.97 15.70 34.18
N ASP B 292 -1.45 16.30 35.24
CA ASP B 292 -2.17 16.41 36.51
C ASP B 292 -3.40 17.29 36.38
N PHE B 293 -3.26 18.38 35.64
CA PHE B 293 -4.37 19.32 35.45
C PHE B 293 -5.59 18.60 34.90
N PHE B 294 -5.35 17.74 33.91
CA PHE B 294 -6.44 16.99 33.30
C PHE B 294 -7.04 15.98 34.30
N THR B 295 -6.21 15.13 34.89
CA THR B 295 -6.71 14.14 35.85
C THR B 295 -7.42 14.86 37.01
N SER B 296 -6.92 16.03 37.37
CA SER B 296 -7.52 16.80 38.44
C SER B 296 -8.98 17.16 38.14
N MET B 297 -9.31 17.25 36.85
CA MET B 297 -10.67 17.59 36.43
C MET B 297 -11.48 16.32 36.17
N ASN B 298 -11.02 15.21 36.72
CA ASN B 298 -11.66 13.92 36.53
C ASN B 298 -11.59 13.51 35.06
N LEU B 299 -10.61 14.07 34.36
CA LEU B 299 -10.40 13.76 32.94
C LEU B 299 -9.40 12.62 32.79
N THR B 300 -9.34 12.07 31.58
CA THR B 300 -8.49 10.94 31.27
C THR B 300 -7.02 11.23 31.38
N LYS B 301 -6.32 10.34 32.07
CA LYS B 301 -4.89 10.44 32.29
C LYS B 301 -4.16 9.95 31.07
N LEU B 302 -2.94 10.43 30.88
CA LEU B 302 -2.12 10.02 29.75
C LEU B 302 -1.80 8.52 29.87
N PRO B 303 -2.08 7.74 28.82
CA PRO B 303 -1.82 6.31 28.84
C PRO B 303 -0.33 5.97 28.79
N GLN B 304 0.01 4.71 29.07
CA GLN B 304 1.41 4.26 29.06
C GLN B 304 2.12 4.37 27.72
N ASP B 305 1.35 4.33 26.63
CA ASP B 305 1.95 4.42 25.30
C ASP B 305 2.45 5.85 25.05
N PHE B 306 1.86 6.81 25.74
CA PHE B 306 2.26 8.20 25.58
C PHE B 306 3.68 8.44 26.06
N TRP B 307 3.98 8.03 27.29
CA TRP B 307 5.31 8.22 27.86
C TRP B 307 6.38 7.35 27.18
N ASP B 308 5.97 6.30 26.49
CA ASP B 308 6.94 5.44 25.81
C ASP B 308 7.24 5.94 24.41
N LYS B 309 6.18 6.21 23.66
CA LYS B 309 6.31 6.64 22.27
C LYS B 309 6.32 8.13 21.96
N SER B 310 6.47 8.99 22.95
CA SER B 310 6.46 10.42 22.64
C SER B 310 7.87 10.97 22.57
N ILE B 311 8.03 12.09 21.88
CA ILE B 311 9.32 12.74 21.76
C ILE B 311 9.10 14.14 22.31
N ILE B 312 9.49 14.31 23.57
CA ILE B 312 9.31 15.58 24.28
C ILE B 312 10.57 16.45 24.36
N GLU B 313 11.66 16.03 23.70
CA GLU B 313 12.88 16.81 23.71
C GLU B 313 13.52 16.72 22.34
N LYS B 314 14.14 17.82 21.90
CA LYS B 314 14.76 17.85 20.59
C LYS B 314 15.94 16.90 20.45
N PRO B 315 15.85 15.94 19.51
CA PRO B 315 16.90 14.96 19.25
C PRO B 315 18.31 15.55 19.22
N THR B 316 19.26 14.83 19.80
CA THR B 316 20.63 15.28 19.89
C THR B 316 21.58 14.85 18.78
N ASP B 317 21.11 14.02 17.86
CA ASP B 317 21.94 13.60 16.73
C ASP B 317 21.72 14.63 15.60
N GLY B 318 22.58 14.59 14.60
CA GLY B 318 22.47 15.55 13.50
C GLY B 318 21.22 15.38 12.66
N ARG B 319 20.24 14.68 13.20
CA ARG B 319 19.01 14.43 12.46
C ARG B 319 18.24 15.67 12.08
N ASP B 320 17.46 15.54 11.01
CA ASP B 320 16.58 16.59 10.56
C ASP B 320 15.20 16.05 10.86
N LEU B 321 14.37 16.87 11.45
CA LEU B 321 13.04 16.43 11.79
C LEU B 321 12.13 17.61 11.68
N VAL B 322 10.85 17.38 11.99
CA VAL B 322 9.85 18.42 11.98
C VAL B 322 9.66 18.66 13.47
N CYS B 323 10.00 19.85 13.95
CA CYS B 323 9.82 20.08 15.37
C CYS B 323 8.81 21.12 15.75
N HIS B 324 7.84 21.33 14.87
CA HIS B 324 6.76 22.29 15.13
C HIS B 324 5.75 21.48 15.96
N ALA B 325 5.81 21.63 17.28
CA ALA B 325 4.92 20.94 18.22
C ALA B 325 3.61 20.45 17.63
N SER B 326 3.26 19.20 17.94
CA SER B 326 2.02 18.62 17.43
C SER B 326 1.61 17.33 18.17
N ALA B 327 0.33 16.99 18.09
CA ALA B 327 -0.23 15.82 18.76
C ALA B 327 -0.75 14.77 17.77
N TRP B 328 -0.39 13.51 17.98
CA TRP B 328 -0.81 12.44 17.08
C TRP B 328 -1.76 11.37 17.59
N ASP B 329 -2.80 11.12 16.80
CA ASP B 329 -3.80 10.11 17.09
C ASP B 329 -3.42 8.88 16.24
N PHE B 330 -3.15 7.75 16.87
CA PHE B 330 -2.77 6.59 16.11
C PHE B 330 -3.92 5.64 15.75
N TYR B 331 -5.13 6.03 16.11
CA TYR B 331 -6.34 5.28 15.78
C TYR B 331 -6.48 3.86 16.29
N LEU B 332 -5.95 3.60 17.47
CA LEU B 332 -6.06 2.29 18.09
C LEU B 332 -6.68 2.61 19.43
N ILE B 333 -6.25 1.91 20.46
CA ILE B 333 -6.76 2.20 21.78
C ILE B 333 -5.54 2.59 22.61
N ASP B 334 -5.56 3.84 23.07
CA ASP B 334 -4.48 4.40 23.90
C ASP B 334 -3.13 4.63 23.24
N ASP B 335 -3.10 4.81 21.93
CA ASP B 335 -1.80 5.07 21.30
C ASP B 335 -1.80 6.53 20.89
N VAL B 336 -1.47 7.40 21.84
CA VAL B 336 -1.42 8.84 21.59
C VAL B 336 -0.06 9.38 21.97
N ARG B 337 0.54 10.19 21.10
CA ARG B 337 1.87 10.73 21.37
C ARG B 337 2.02 12.16 20.87
N ILE B 338 2.94 12.88 21.49
CA ILE B 338 3.24 14.25 21.12
C ILE B 338 4.69 14.34 20.68
N LYS B 339 4.96 15.19 19.69
CA LYS B 339 6.33 15.39 19.22
C LYS B 339 6.58 16.87 19.38
N GLN B 340 7.46 17.21 20.31
CA GLN B 340 7.73 18.60 20.57
C GLN B 340 9.18 18.80 21.01
N CYS B 341 9.76 19.92 20.56
CA CYS B 341 11.12 20.30 20.91
C CYS B 341 11.11 21.17 22.14
N THR B 342 10.24 20.81 23.07
CA THR B 342 10.05 21.54 24.33
C THR B 342 11.31 22.17 24.91
N ARG B 343 11.16 23.38 25.40
CA ARG B 343 12.21 24.14 26.07
C ARG B 343 11.54 24.61 27.35
N VAL B 344 12.30 24.88 28.40
CA VAL B 344 11.67 25.31 29.65
C VAL B 344 11.38 26.83 29.69
N THR B 345 10.31 27.25 29.02
CA THR B 345 9.91 28.66 29.03
C THR B 345 8.40 28.71 29.22
N GLN B 346 7.91 29.88 29.63
CA GLN B 346 6.49 30.04 29.87
C GLN B 346 5.62 29.73 28.66
N ASP B 347 6.04 30.17 27.47
CA ASP B 347 5.25 29.91 26.26
C ASP B 347 5.15 28.41 25.98
N GLN B 348 6.25 27.69 26.19
CA GLN B 348 6.24 26.25 25.99
C GLN B 348 5.27 25.52 26.91
N LEU B 349 5.18 25.99 28.15
CA LEU B 349 4.28 25.40 29.13
C LEU B 349 2.84 25.49 28.62
N PHE B 350 2.49 26.60 27.96
CA PHE B 350 1.15 26.78 27.40
C PHE B 350 1.00 25.85 26.21
N THR B 351 2.06 25.77 25.41
CA THR B 351 2.04 24.88 24.25
C THR B 351 1.85 23.42 24.70
N VAL B 352 2.58 23.00 25.72
CA VAL B 352 2.47 21.63 26.20
C VAL B 352 0.99 21.34 26.44
N HIS B 353 0.33 22.22 27.20
CA HIS B 353 -1.09 22.05 27.50
C HIS B 353 -1.88 22.04 26.21
N HIS B 354 -1.58 22.96 25.31
CA HIS B 354 -2.31 22.99 24.06
C HIS B 354 -2.28 21.59 23.48
N GLU B 355 -1.08 21.08 23.22
CA GLU B 355 -0.93 19.75 22.66
C GLU B 355 -1.69 18.71 23.48
N LEU B 356 -1.55 18.74 24.80
CA LEU B 356 -2.28 17.79 25.63
C LEU B 356 -3.77 17.94 25.34
N GLY B 357 -4.19 19.14 25.01
CA GLY B 357 -5.58 19.36 24.68
C GLY B 357 -5.94 18.41 23.54
N HIS B 358 -5.09 18.34 22.53
CA HIS B 358 -5.36 17.45 21.43
C HIS B 358 -5.44 16.01 21.94
N ILE B 359 -4.48 15.62 22.77
CA ILE B 359 -4.46 14.27 23.32
C ILE B 359 -5.73 13.95 24.11
N GLN B 360 -6.24 14.91 24.88
CA GLN B 360 -7.45 14.63 25.63
C GLN B 360 -8.54 14.27 24.67
N TYR B 361 -8.64 15.06 23.61
CA TYR B 361 -9.67 14.87 22.60
C TYR B 361 -9.59 13.47 21.97
N PHE B 362 -8.40 13.06 21.54
CA PHE B 362 -8.22 11.74 20.93
C PHE B 362 -8.76 10.69 21.89
N LEU B 363 -8.29 10.75 23.14
CA LEU B 363 -8.69 9.78 24.16
C LEU B 363 -10.19 9.85 24.40
N GLN B 364 -10.71 11.05 24.54
CA GLN B 364 -12.11 11.20 24.81
C GLN B 364 -13.03 10.53 23.82
N TYR B 365 -12.64 10.50 22.53
CA TYR B 365 -13.52 9.90 21.54
C TYR B 365 -13.07 8.65 20.79
N GLN B 366 -12.12 7.90 21.35
CA GLN B 366 -11.61 6.69 20.72
C GLN B 366 -12.73 5.77 20.26
N HIS B 367 -13.60 5.41 21.19
CA HIS B 367 -14.74 4.53 20.94
C HIS B 367 -15.64 4.90 19.75
N GLN B 368 -15.64 6.17 19.36
CA GLN B 368 -16.46 6.63 18.23
C GLN B 368 -16.07 5.98 16.89
N PRO B 369 -17.05 5.81 15.98
CA PRO B 369 -16.76 5.20 14.68
C PRO B 369 -15.61 6.03 14.08
N PHE B 370 -14.65 5.38 13.42
CA PHE B 370 -13.52 6.10 12.85
C PHE B 370 -13.90 7.47 12.25
N VAL B 371 -14.92 7.48 11.38
CA VAL B 371 -15.31 8.73 10.74
C VAL B 371 -15.57 9.87 11.74
N TYR B 372 -15.93 9.53 12.97
CA TYR B 372 -16.19 10.54 13.99
C TYR B 372 -15.02 10.74 14.94
N ARG B 373 -13.91 10.03 14.74
CA ARG B 373 -12.78 10.20 15.65
C ARG B 373 -11.97 11.44 15.32
N THR B 374 -12.69 12.55 15.23
CA THR B 374 -12.10 13.85 14.95
C THR B 374 -12.91 14.89 15.75
N GLY B 375 -12.48 16.16 15.70
CA GLY B 375 -13.19 17.18 16.46
C GLY B 375 -14.47 17.67 15.84
N ALA B 376 -15.34 18.27 16.65
CA ALA B 376 -16.62 18.80 16.11
C ALA B 376 -16.16 20.12 15.50
N ASN B 377 -15.93 20.12 14.19
CA ASN B 377 -15.41 21.31 13.52
C ASN B 377 -14.01 21.52 14.11
N PRO B 378 -13.01 21.71 13.22
CA PRO B 378 -11.59 21.92 13.50
C PRO B 378 -11.28 22.86 14.64
N GLY B 379 -12.21 23.76 14.92
CA GLY B 379 -11.99 24.74 15.99
C GLY B 379 -11.86 24.17 17.39
N PHE B 380 -12.77 23.26 17.75
CA PHE B 380 -12.75 22.64 19.06
C PHE B 380 -11.43 21.96 19.38
N HIS B 381 -10.78 21.40 18.36
CA HIS B 381 -9.55 20.68 18.61
C HIS B 381 -8.42 21.53 19.12
N GLU B 382 -8.32 22.75 18.61
CA GLU B 382 -7.28 23.67 19.04
C GLU B 382 -7.58 24.28 20.41
N ALA B 383 -8.85 24.59 20.67
CA ALA B 383 -9.29 25.23 21.91
C ALA B 383 -9.13 24.49 23.24
N VAL B 384 -9.42 23.19 23.24
CA VAL B 384 -9.32 22.38 24.45
C VAL B 384 -8.15 22.75 25.33
N GLY B 385 -6.94 22.46 24.87
CA GLY B 385 -5.76 22.76 25.65
C GLY B 385 -5.64 24.23 26.00
N ASP B 386 -6.10 25.10 25.09
CA ASP B 386 -6.01 26.53 25.34
C ASP B 386 -6.82 27.01 26.51
N VAL B 387 -7.95 26.36 26.78
CA VAL B 387 -8.78 26.76 27.92
C VAL B 387 -8.00 26.49 29.21
N LEU B 388 -7.28 25.37 29.26
CA LEU B 388 -6.48 25.03 30.45
C LEU B 388 -5.33 26.02 30.59
N SER B 389 -4.65 26.33 29.49
CA SER B 389 -3.51 27.25 29.55
C SER B 389 -3.90 28.63 30.05
N LEU B 390 -5.16 29.00 29.91
CA LEU B 390 -5.60 30.30 30.39
C LEU B 390 -5.54 30.28 31.92
N SER B 391 -5.84 29.14 32.51
CA SER B 391 -5.81 29.00 33.95
C SER B 391 -4.38 28.97 34.51
N VAL B 392 -3.45 28.27 33.85
CA VAL B 392 -2.07 28.21 34.34
C VAL B 392 -1.32 29.50 34.02
N SER B 393 -2.04 30.48 33.46
CA SER B 393 -1.42 31.76 33.13
C SER B 393 -1.81 32.78 34.18
N THR B 394 -2.79 32.43 35.02
CA THR B 394 -3.26 33.35 36.04
C THR B 394 -2.39 33.39 37.26
N PRO B 395 -2.18 34.61 37.81
CA PRO B 395 -1.35 34.79 39.01
C PRO B 395 -1.85 33.81 40.06
N LYS B 396 -3.15 33.58 40.08
CA LYS B 396 -3.76 32.66 41.04
C LYS B 396 -3.10 31.27 40.98
N HIS B 397 -3.21 30.59 39.82
CA HIS B 397 -2.63 29.25 39.68
C HIS B 397 -1.11 29.18 39.70
N LEU B 398 -0.45 30.21 39.19
CA LEU B 398 0.99 30.20 39.17
C LEU B 398 1.55 30.39 40.59
N GLU B 399 0.74 30.97 41.47
CA GLU B 399 1.21 31.15 42.84
C GLU B 399 1.02 29.82 43.55
N LYS B 400 -0.10 29.17 43.27
CA LYS B 400 -0.39 27.88 43.89
C LYS B 400 0.65 26.80 43.60
N ILE B 401 1.33 26.88 42.45
CA ILE B 401 2.34 25.87 42.12
C ILE B 401 3.75 26.38 42.38
N GLY B 402 3.84 27.52 43.04
CA GLY B 402 5.15 28.07 43.38
C GLY B 402 5.97 28.70 42.29
N LEU B 403 5.41 28.78 41.08
CA LEU B 403 6.13 29.36 39.96
C LEU B 403 6.05 30.89 40.01
N LEU B 404 5.42 31.40 41.04
CA LEU B 404 5.26 32.83 41.23
C LEU B 404 5.42 33.10 42.73
N LYS B 405 6.64 33.49 43.13
CA LYS B 405 6.98 33.78 44.53
C LYS B 405 6.01 34.74 45.23
N ASP B 406 6.44 35.97 45.44
CA ASP B 406 5.56 36.94 46.07
C ASP B 406 5.00 37.85 44.97
N TYR B 407 3.67 37.92 44.90
CA TYR B 407 3.00 38.70 43.89
C TYR B 407 1.79 39.41 44.52
N VAL B 408 1.68 40.72 44.30
CA VAL B 408 0.57 41.50 44.83
C VAL B 408 -0.30 42.00 43.68
N ARG B 409 -1.58 41.62 43.71
CA ARG B 409 -2.53 41.98 42.66
C ARG B 409 -2.74 43.48 42.46
N ASP B 410 -2.04 44.29 43.24
CA ASP B 410 -2.14 45.74 43.12
C ASP B 410 -3.46 46.26 42.57
N ASP B 411 -3.46 46.45 41.26
CA ASP B 411 -4.61 46.98 40.56
C ASP B 411 -4.03 47.24 39.17
N GLU B 412 -2.84 47.85 39.16
CA GLU B 412 -2.16 48.14 37.90
C GLU B 412 -1.24 46.95 37.57
N ALA B 413 -1.20 45.99 38.48
CA ALA B 413 -0.42 44.78 38.27
C ALA B 413 -1.39 43.90 37.49
N ARG B 414 -2.65 44.30 37.53
CA ARG B 414 -3.72 43.60 36.85
C ARG B 414 -3.69 44.00 35.38
N ILE B 415 -3.31 45.24 35.13
CA ILE B 415 -3.22 45.79 33.78
C ILE B 415 -2.05 45.15 33.01
N ASN B 416 -1.10 44.60 33.76
CA ASN B 416 0.07 43.94 33.17
C ASN B 416 -0.17 42.47 32.93
N GLN B 417 -1.41 42.03 33.13
CA GLN B 417 -1.76 40.64 32.92
C GLN B 417 -2.73 40.47 31.77
N LEU B 418 -3.75 41.33 31.73
CA LEU B 418 -4.74 41.30 30.66
C LEU B 418 -4.05 41.70 29.37
N PHE B 419 -3.28 42.78 29.47
CA PHE B 419 -2.54 43.30 28.33
C PHE B 419 -1.59 42.26 27.75
N LEU B 420 -1.06 41.41 28.62
CA LEU B 420 -0.15 40.36 28.20
C LEU B 420 -0.95 39.38 27.35
N THR B 421 -2.08 38.97 27.91
CA THR B 421 -2.99 38.04 27.28
C THR B 421 -3.58 38.70 26.04
N ALA B 422 -3.37 40.01 25.92
CA ALA B 422 -3.85 40.76 24.77
C ALA B 422 -2.84 40.64 23.64
N LEU B 423 -1.56 40.60 24.02
CA LEU B 423 -0.47 40.46 23.05
C LEU B 423 -0.36 39.00 22.63
N ASP B 424 -1.40 38.23 22.92
CA ASP B 424 -1.41 36.79 22.61
C ASP B 424 -2.76 36.34 22.05
N LYS B 425 -3.80 36.61 22.81
CA LYS B 425 -5.16 36.23 22.45
C LYS B 425 -5.89 37.20 21.54
N ILE B 426 -5.70 38.50 21.76
CA ILE B 426 -6.37 39.44 20.90
C ILE B 426 -5.59 39.74 19.66
N VAL B 427 -4.29 40.01 19.82
CA VAL B 427 -3.44 40.32 18.68
C VAL B 427 -3.56 39.33 17.54
N PHE B 428 -3.66 38.05 17.89
CA PHE B 428 -3.76 36.92 16.96
C PHE B 428 -4.98 36.90 16.01
N LEU B 429 -6.16 37.15 16.56
CA LEU B 429 -7.40 37.13 15.80
C LEU B 429 -7.31 37.62 14.33
N PRO B 430 -6.74 38.81 14.09
CA PRO B 430 -6.61 39.33 12.73
C PRO B 430 -5.53 38.59 11.91
N PHE B 431 -4.45 38.20 12.60
CA PHE B 431 -3.36 37.44 11.97
C PHE B 431 -3.93 36.11 11.44
N ALA B 432 -4.55 35.37 12.35
CA ALA B 432 -5.10 34.08 11.97
C ALA B 432 -6.14 34.20 10.89
N PHE B 433 -6.85 35.32 10.84
CA PHE B 433 -7.90 35.53 9.83
C PHE B 433 -7.34 35.76 8.42
N THR B 434 -6.26 36.53 8.34
CA THR B 434 -5.63 36.83 7.09
C THR B 434 -4.97 35.61 6.46
N MET B 435 -4.44 34.71 7.29
CA MET B 435 -3.79 33.49 6.82
C MET B 435 -4.69 32.77 5.82
N ASP B 436 -5.91 32.40 6.24
CA ASP B 436 -6.83 31.70 5.36
C ASP B 436 -7.54 32.66 4.40
N LYS B 437 -7.67 33.91 4.82
CA LYS B 437 -8.32 34.89 3.97
C LYS B 437 -7.44 35.00 2.71
N TYR B 438 -6.14 34.83 2.91
CA TYR B 438 -5.18 34.91 1.81
C TYR B 438 -5.26 33.66 0.93
N ARG B 439 -5.21 32.49 1.56
CA ARG B 439 -5.27 31.25 0.81
C ARG B 439 -6.63 31.03 0.17
N TRP B 440 -7.66 31.71 0.70
CA TRP B 440 -9.00 31.59 0.15
C TRP B 440 -9.09 32.31 -1.19
N SER B 441 -8.52 33.51 -1.22
CA SER B 441 -8.51 34.33 -2.42
C SER B 441 -7.68 33.69 -3.53
N LEU B 442 -6.84 32.72 -3.20
CA LEU B 442 -6.09 32.02 -4.24
C LEU B 442 -7.01 30.89 -4.65
N PHE B 443 -7.33 30.01 -3.71
CA PHE B 443 -8.22 28.88 -3.98
C PHE B 443 -9.39 29.36 -4.87
N ARG B 444 -9.90 30.54 -4.55
CA ARG B 444 -10.95 31.17 -5.34
C ARG B 444 -10.06 31.97 -6.30
N GLY B 445 -10.22 31.81 -7.60
CA GLY B 445 -9.34 32.55 -8.50
C GLY B 445 -9.39 34.06 -8.46
N GLU B 446 -9.54 34.64 -7.27
CA GLU B 446 -9.64 36.09 -7.11
C GLU B 446 -8.35 36.89 -7.32
N VAL B 447 -7.19 36.24 -7.26
CA VAL B 447 -5.93 36.96 -7.41
C VAL B 447 -5.12 36.46 -8.60
N ASP B 448 -4.40 37.37 -9.26
CA ASP B 448 -3.56 37.04 -10.40
C ASP B 448 -2.14 36.74 -9.91
N LYS B 449 -1.52 35.74 -10.52
CA LYS B 449 -0.17 35.30 -10.17
C LYS B 449 0.83 36.43 -9.98
N ALA B 450 0.71 37.48 -10.79
CA ALA B 450 1.64 38.61 -10.72
C ALA B 450 1.51 39.43 -9.46
N ASN B 451 0.44 39.19 -8.71
CA ASN B 451 0.16 39.93 -7.48
C ASN B 451 0.09 39.04 -6.21
N TRP B 452 0.60 37.82 -6.32
CA TRP B 452 0.57 36.87 -5.23
C TRP B 452 1.34 37.27 -3.97
N ASN B 453 2.52 37.87 -4.10
CA ASN B 453 3.20 38.23 -2.87
C ASN B 453 2.70 39.51 -2.23
N CYS B 454 2.15 40.43 -3.01
CA CYS B 454 1.65 41.67 -2.45
C CYS B 454 0.23 41.51 -1.94
N ALA B 455 -0.52 40.59 -2.54
CA ALA B 455 -1.87 40.30 -2.08
C ALA B 455 -1.72 39.86 -0.62
N PHE B 456 -0.64 39.15 -0.32
CA PHE B 456 -0.39 38.69 1.02
C PHE B 456 -0.14 39.86 1.99
N TRP B 457 0.83 40.73 1.67
CA TRP B 457 1.17 41.86 2.54
C TRP B 457 0.13 42.96 2.66
N LYS B 458 -0.59 43.25 1.59
CA LYS B 458 -1.58 44.31 1.66
C LYS B 458 -2.65 43.77 2.58
N LEU B 459 -2.77 42.44 2.64
CA LEU B 459 -3.75 41.78 3.49
C LEU B 459 -3.26 41.75 4.95
N ARG B 460 -1.94 41.73 5.14
CA ARG B 460 -1.36 41.72 6.49
C ARG B 460 -1.45 43.16 6.97
N ASP B 461 -1.39 44.06 6.00
CA ASP B 461 -1.46 45.49 6.21
C ASP B 461 -2.92 45.80 6.54
N GLU B 462 -3.81 45.48 5.61
CA GLU B 462 -5.21 45.76 5.85
C GLU B 462 -5.69 45.41 7.26
N TYR B 463 -5.54 44.15 7.66
CA TYR B 463 -6.04 43.68 8.94
C TYR B 463 -5.19 43.82 10.20
N SER B 464 -3.87 43.67 10.09
CA SER B 464 -3.00 43.77 11.27
C SER B 464 -2.20 45.07 11.43
N GLY B 465 -2.07 45.86 10.37
CA GLY B 465 -1.28 47.07 10.49
C GLY B 465 0.18 46.69 10.77
N ILE B 466 0.63 45.67 10.04
CA ILE B 466 1.98 45.13 10.14
C ILE B 466 2.62 45.06 8.74
N GLU B 467 3.94 45.21 8.67
CA GLU B 467 4.64 45.16 7.39
C GLU B 467 6.04 44.59 7.54
N PRO B 468 6.61 44.08 6.44
CA PRO B 468 7.97 43.53 6.47
C PRO B 468 8.97 44.57 6.97
N PRO B 469 10.09 44.12 7.54
CA PRO B 469 11.09 45.06 8.04
C PRO B 469 11.90 45.68 6.90
N VAL B 470 11.91 45.00 5.78
CA VAL B 470 12.66 45.42 4.60
C VAL B 470 11.66 45.42 3.43
N VAL B 471 12.01 46.03 2.29
CA VAL B 471 11.08 46.07 1.15
C VAL B 471 11.01 44.69 0.51
N ARG B 472 9.83 44.25 0.11
CA ARG B 472 9.71 42.96 -0.57
C ARG B 472 9.00 43.22 -1.91
N SER B 473 9.20 42.35 -2.89
CA SER B 473 8.56 42.54 -4.19
C SER B 473 7.90 41.26 -4.66
N GLU B 474 7.34 41.30 -5.86
CA GLU B 474 6.70 40.13 -6.40
C GLU B 474 7.72 39.09 -6.78
N LYS B 475 9.00 39.43 -6.66
CA LYS B 475 10.06 38.44 -6.94
C LYS B 475 10.09 37.50 -5.73
N ASP B 476 9.75 38.03 -4.56
CA ASP B 476 9.75 37.20 -3.37
C ASP B 476 8.39 36.56 -3.21
N PHE B 477 8.33 35.53 -2.37
CA PHE B 477 7.08 34.84 -2.08
C PHE B 477 7.11 34.43 -0.61
N ASP B 478 6.55 35.31 0.22
CA ASP B 478 6.54 35.12 1.67
C ASP B 478 5.56 34.20 2.38
N ALA B 479 4.33 34.04 1.88
CA ALA B 479 3.37 33.19 2.58
C ALA B 479 3.88 31.84 3.10
N PRO B 480 4.86 31.22 2.42
CA PRO B 480 5.36 29.92 2.89
C PRO B 480 6.25 29.91 4.14
N ALA B 481 6.69 31.09 4.60
CA ALA B 481 7.55 31.16 5.78
C ALA B 481 6.79 30.72 7.02
N LYS B 482 5.47 30.63 6.89
CA LYS B 482 4.62 30.21 7.98
C LYS B 482 4.36 28.70 7.87
N TYR B 483 4.85 27.95 8.85
CA TYR B 483 4.69 26.51 8.87
C TYR B 483 3.39 25.98 8.24
N HIS B 484 2.25 26.43 8.76
CA HIS B 484 0.96 25.96 8.25
C HIS B 484 0.70 26.23 6.77
N ILE B 485 1.37 27.22 6.19
CA ILE B 485 1.20 27.51 4.79
C ILE B 485 1.97 26.45 4.02
N SER B 486 3.20 26.18 4.47
CA SER B 486 4.06 25.18 3.87
C SER B 486 3.55 23.75 4.03
N ALA B 487 3.02 23.44 5.21
CA ALA B 487 2.53 22.10 5.50
C ALA B 487 1.06 21.83 5.17
N ASP B 488 0.44 22.72 4.40
CA ASP B 488 -0.98 22.57 4.03
C ASP B 488 -1.89 22.30 5.24
N VAL B 489 -1.90 23.20 6.21
CA VAL B 489 -2.78 23.01 7.38
C VAL B 489 -3.74 24.19 7.45
N GLU B 490 -5.03 23.88 7.44
CA GLU B 490 -6.07 24.90 7.48
C GLU B 490 -5.75 25.75 8.73
N TYR B 491 -6.02 27.06 8.64
CA TYR B 491 -5.70 27.98 9.73
C TYR B 491 -6.88 28.64 10.43
N LEU B 492 -8.03 28.70 9.76
CA LEU B 492 -9.21 29.33 10.35
C LEU B 492 -9.54 28.73 11.70
N ARG B 493 -9.04 27.51 11.92
CA ARG B 493 -9.26 26.76 13.15
C ARG B 493 -8.75 27.49 14.37
N TYR B 494 -7.62 28.16 14.22
CA TYR B 494 -7.04 28.89 15.33
C TYR B 494 -7.87 30.09 15.69
N LEU B 495 -8.38 30.75 14.67
CA LEU B 495 -9.20 31.92 14.89
C LEU B 495 -10.52 31.59 15.60
N VAL B 496 -11.16 30.48 15.23
CA VAL B 496 -12.42 30.15 15.89
C VAL B 496 -12.07 29.69 17.30
N SER B 497 -10.93 29.02 17.42
CA SER B 497 -10.46 28.52 18.70
C SER B 497 -10.17 29.65 19.68
N PHE B 498 -9.67 30.78 19.21
CA PHE B 498 -9.39 31.88 20.12
C PHE B 498 -10.69 32.59 20.49
N ILE B 499 -11.73 32.34 19.71
CA ILE B 499 -13.00 32.95 19.98
C ILE B 499 -13.73 32.05 20.98
N ILE B 500 -14.08 30.86 20.52
CA ILE B 500 -14.80 29.92 21.34
C ILE B 500 -14.04 29.33 22.55
N GLN B 501 -12.72 29.56 22.68
CA GLN B 501 -12.01 29.01 23.85
C GLN B 501 -12.35 29.82 25.08
N PHE B 502 -12.72 31.09 24.86
CA PHE B 502 -13.09 31.97 25.96
C PHE B 502 -14.51 31.68 26.38
N GLN B 503 -15.32 31.13 25.47
CA GLN B 503 -16.69 30.76 25.80
C GLN B 503 -16.61 29.53 26.69
N PHE B 504 -15.75 28.59 26.30
CA PHE B 504 -15.56 27.35 27.06
C PHE B 504 -15.05 27.74 28.44
N TYR B 505 -13.98 28.53 28.46
CA TYR B 505 -13.36 28.98 29.69
C TYR B 505 -14.34 29.75 30.59
N LYS B 506 -15.09 30.68 30.00
CA LYS B 506 -16.08 31.42 30.77
C LYS B 506 -17.02 30.44 31.49
N SER B 507 -17.66 29.57 30.74
CA SER B 507 -18.58 28.60 31.34
C SER B 507 -17.90 27.65 32.35
N ALA B 508 -16.74 27.11 31.98
CA ALA B 508 -16.01 26.20 32.86
C ALA B 508 -15.78 26.83 34.25
N CYS B 509 -15.35 28.09 34.24
CA CYS B 509 -15.08 28.81 35.47
C CYS B 509 -16.36 29.04 36.27
N ILE B 510 -17.48 29.12 35.56
CA ILE B 510 -18.78 29.33 36.21
C ILE B 510 -19.28 28.01 36.80
N LYS B 511 -19.13 26.93 36.02
CA LYS B 511 -19.55 25.60 36.45
C LYS B 511 -18.74 25.21 37.68
N ALA B 512 -17.75 26.03 37.97
CA ALA B 512 -16.87 25.88 39.11
C ALA B 512 -17.21 27.14 39.95
N GLY B 513 -16.78 27.22 41.19
CA GLY B 513 -17.11 28.41 41.97
C GLY B 513 -16.07 29.50 41.82
N GLN B 514 -15.61 29.69 40.58
CA GLN B 514 -14.56 30.65 40.29
C GLN B 514 -14.98 31.97 39.66
N TYR B 515 -16.05 31.96 38.88
CA TYR B 515 -16.46 33.18 38.21
C TYR B 515 -17.91 33.58 38.43
N ASP B 516 -18.10 34.80 38.89
CA ASP B 516 -19.41 35.36 39.14
C ASP B 516 -19.37 36.79 38.64
N PRO B 517 -20.04 37.06 37.50
CA PRO B 517 -20.09 38.38 36.86
C PRO B 517 -20.18 39.56 37.84
N ASP B 518 -20.66 39.28 39.05
CA ASP B 518 -20.80 40.32 40.06
C ASP B 518 -19.70 40.31 41.13
N ASN B 519 -19.50 39.16 41.77
CA ASN B 519 -18.49 39.08 42.80
C ASN B 519 -17.17 39.63 42.26
N VAL B 520 -16.76 40.78 42.78
CA VAL B 520 -15.54 41.44 42.35
C VAL B 520 -14.26 40.71 42.79
N GLU B 521 -14.37 39.79 43.74
CA GLU B 521 -13.22 39.03 44.22
C GLU B 521 -13.02 37.79 43.34
N LEU B 522 -13.78 37.71 42.25
CA LEU B 522 -13.69 36.59 41.32
C LEU B 522 -13.70 37.06 39.87
N PRO B 523 -12.72 37.90 39.49
CA PRO B 523 -12.64 38.42 38.11
C PRO B 523 -12.42 37.30 37.09
N LEU B 524 -13.11 37.36 35.96
CA LEU B 524 -12.97 36.32 34.94
C LEU B 524 -11.55 36.14 34.42
N ASP B 525 -10.62 36.98 34.85
CA ASP B 525 -9.25 36.84 34.39
C ASP B 525 -8.35 36.30 35.47
N ASN B 526 -8.96 35.68 36.47
CA ASN B 526 -8.21 35.10 37.57
C ASN B 526 -8.86 33.83 38.14
N CYS B 527 -9.59 33.07 37.31
CA CYS B 527 -10.19 31.82 37.78
C CYS B 527 -9.30 30.67 37.32
N ASP B 528 -9.05 29.73 38.22
CA ASP B 528 -8.17 28.62 37.91
C ASP B 528 -8.76 27.31 37.38
N ILE B 529 -10.04 27.05 37.62
CA ILE B 529 -10.68 25.78 37.22
C ILE B 529 -9.86 24.50 37.42
N TYR B 530 -8.66 24.60 37.98
CA TYR B 530 -7.86 23.42 38.24
C TYR B 530 -8.63 22.57 39.23
N GLY B 531 -8.53 21.26 39.09
CA GLY B 531 -9.22 20.34 39.97
C GLY B 531 -10.73 20.53 40.06
N SER B 532 -11.39 20.85 38.95
CA SER B 532 -12.85 21.04 38.97
C SER B 532 -13.62 19.92 38.24
N ALA B 533 -14.33 19.11 39.03
CA ALA B 533 -15.10 17.99 38.50
C ALA B 533 -16.21 18.37 37.52
N ARG B 534 -17.00 19.39 37.86
CA ARG B 534 -18.09 19.81 36.98
C ARG B 534 -17.53 20.41 35.70
N ALA B 535 -16.34 20.98 35.80
CA ALA B 535 -15.71 21.58 34.63
C ALA B 535 -15.28 20.46 33.67
N GLY B 536 -14.60 19.45 34.20
CA GLY B 536 -14.18 18.33 33.37
C GLY B 536 -15.38 17.57 32.81
N ALA B 537 -16.42 17.45 33.63
CA ALA B 537 -17.65 16.75 33.24
C ALA B 537 -18.30 17.39 32.00
N ALA B 538 -18.23 18.72 31.89
CA ALA B 538 -18.78 19.39 30.72
C ALA B 538 -17.83 19.11 29.56
N PHE B 539 -16.52 19.17 29.87
CA PHE B 539 -15.51 18.90 28.87
C PHE B 539 -15.63 17.44 28.41
N HIS B 540 -16.30 16.61 29.21
CA HIS B 540 -16.49 15.22 28.84
C HIS B 540 -17.71 15.03 27.92
N ASN B 541 -18.81 15.70 28.26
CA ASN B 541 -20.02 15.61 27.45
C ASN B 541 -19.73 16.11 26.05
N MET B 542 -18.83 17.08 25.95
CA MET B 542 -18.46 17.66 24.68
C MET B 542 -17.47 16.78 23.92
N LEU B 543 -16.25 16.66 24.43
CA LEU B 543 -15.19 15.88 23.77
C LEU B 543 -15.54 14.42 23.41
N SER B 544 -16.32 13.75 24.25
CA SER B 544 -16.69 12.36 23.99
C SER B 544 -17.51 12.18 22.70
N MET B 545 -18.22 13.23 22.30
CA MET B 545 -19.06 13.18 21.09
C MET B 545 -18.33 13.02 19.79
N GLY B 546 -17.11 13.55 19.71
CA GLY B 546 -16.29 13.47 18.53
C GLY B 546 -16.94 13.60 17.14
N ALA B 547 -17.19 14.83 16.70
CA ALA B 547 -17.78 15.00 15.37
C ALA B 547 -18.94 14.04 15.04
N SER B 548 -19.63 13.54 16.06
CA SER B 548 -20.75 12.64 15.83
C SER B 548 -21.97 13.49 15.52
N LYS B 549 -21.85 14.78 15.83
CA LYS B 549 -22.94 15.72 15.61
C LYS B 549 -22.37 17.06 15.20
N PRO B 550 -23.13 17.84 14.41
CA PRO B 550 -22.66 19.17 13.99
C PRO B 550 -22.16 19.92 15.24
N TRP B 551 -21.20 20.84 15.09
CA TRP B 551 -20.67 21.55 16.26
C TRP B 551 -21.64 22.29 17.19
N PRO B 552 -22.79 22.74 16.68
CA PRO B 552 -23.68 23.43 17.62
C PRO B 552 -24.11 22.56 18.80
N ASP B 553 -24.22 21.25 18.57
CA ASP B 553 -24.62 20.29 19.59
C ASP B 553 -23.46 19.95 20.52
N ALA B 554 -22.25 19.95 19.97
CA ALA B 554 -21.09 19.65 20.78
C ALA B 554 -21.01 20.76 21.83
N LEU B 555 -21.16 21.99 21.37
CA LEU B 555 -21.12 23.13 22.27
C LEU B 555 -22.24 23.05 23.31
N GLU B 556 -23.46 22.82 22.83
CA GLU B 556 -24.66 22.71 23.68
C GLU B 556 -24.44 21.71 24.82
N ALA B 557 -23.81 20.58 24.49
CA ALA B 557 -23.51 19.54 25.47
C ALA B 557 -22.60 20.07 26.55
N PHE B 558 -21.78 21.06 26.20
CA PHE B 558 -20.87 21.66 27.16
C PHE B 558 -21.56 22.70 28.02
N ASN B 559 -22.28 23.64 27.43
CA ASN B 559 -22.96 24.65 28.24
C ASN B 559 -24.38 25.08 27.79
N GLY B 560 -25.05 24.27 26.98
CA GLY B 560 -26.40 24.60 26.56
C GLY B 560 -26.53 25.68 25.51
N GLU B 561 -25.48 26.45 25.28
CA GLU B 561 -25.53 27.49 24.28
C GLU B 561 -25.32 26.77 22.96
N ARG B 562 -25.66 27.41 21.85
CA ARG B 562 -25.51 26.78 20.55
C ARG B 562 -24.98 27.75 19.50
N ILE B 563 -24.39 28.86 19.92
CA ILE B 563 -23.89 29.81 18.95
C ILE B 563 -22.48 30.31 19.24
N MET B 564 -21.73 30.53 18.17
CA MET B 564 -20.37 31.02 18.28
C MET B 564 -20.46 32.53 18.48
N SER B 565 -19.74 33.06 19.46
CA SER B 565 -19.78 34.49 19.74
C SER B 565 -18.49 35.04 20.34
N GLY B 566 -18.35 36.37 20.33
CA GLY B 566 -17.17 37.00 20.86
C GLY B 566 -17.41 37.74 22.16
N LYS B 567 -18.52 37.43 22.82
CA LYS B 567 -18.87 38.07 24.08
C LYS B 567 -17.88 37.69 25.19
N ALA B 568 -17.29 36.50 25.05
CA ALA B 568 -16.34 35.98 26.04
C ALA B 568 -15.05 36.80 26.14
N ILE B 569 -14.27 36.83 25.06
CA ILE B 569 -13.01 37.59 25.04
C ILE B 569 -13.21 38.97 25.64
N ALA B 570 -14.13 39.72 25.04
CA ALA B 570 -14.45 41.07 25.46
C ALA B 570 -14.71 41.20 26.96
N GLU B 571 -15.60 40.34 27.47
CA GLU B 571 -15.95 40.35 28.88
C GLU B 571 -14.72 40.04 29.74
N TYR B 572 -13.73 39.42 29.10
CA TYR B 572 -12.49 39.06 29.77
C TYR B 572 -11.52 40.24 29.80
N PHE B 573 -11.34 40.87 28.64
CA PHE B 573 -10.43 42.00 28.47
C PHE B 573 -11.10 43.35 28.68
N GLU B 574 -12.31 43.32 29.23
CA GLU B 574 -13.02 44.57 29.45
C GLU B 574 -12.22 45.55 30.34
N PRO B 575 -11.79 45.12 31.54
CA PRO B 575 -11.04 46.10 32.33
C PRO B 575 -9.83 46.65 31.58
N LEU B 576 -9.30 45.85 30.66
CA LEU B 576 -8.12 46.27 29.90
C LEU B 576 -8.52 47.23 28.80
N ARG B 577 -9.60 46.90 28.08
CA ARG B 577 -10.06 47.76 27.01
C ARG B 577 -10.24 49.21 27.50
N VAL B 578 -10.97 49.40 28.60
CA VAL B 578 -11.18 50.76 29.13
C VAL B 578 -9.96 51.33 29.81
N TRP B 579 -8.78 50.81 29.50
CA TRP B 579 -7.56 51.33 30.09
C TRP B 579 -6.71 51.93 28.98
N LEU B 580 -7.01 51.54 27.75
CA LEU B 580 -6.27 52.02 26.58
C LEU B 580 -6.87 53.30 25.99
N GLU B 581 -8.19 53.32 25.84
CA GLU B 581 -8.86 54.49 25.29
C GLU B 581 -8.53 55.72 26.10
N ALA B 582 -8.08 55.50 27.33
CA ALA B 582 -7.73 56.57 28.27
C ALA B 582 -6.23 56.82 28.26
N GLU B 583 -5.45 55.74 28.38
CA GLU B 583 -4.00 55.83 28.37
C GLU B 583 -3.52 56.34 27.01
N ASN B 584 -4.15 55.88 25.92
CA ASN B 584 -3.76 56.30 24.56
C ASN B 584 -4.07 57.76 24.29
N ILE B 585 -4.84 58.38 25.19
CA ILE B 585 -5.19 59.78 25.06
C ILE B 585 -4.31 60.57 26.02
N LYS B 586 -3.79 59.89 27.04
CA LYS B 586 -2.93 60.53 28.02
C LYS B 586 -1.54 60.69 27.43
N ASN B 587 -1.12 59.72 26.62
CA ASN B 587 0.18 59.80 25.97
C ASN B 587 -0.01 60.37 24.58
N ASN B 588 -1.26 60.62 24.22
CA ASN B 588 -1.60 61.17 22.92
C ASN B 588 -1.09 60.18 21.85
N VAL B 589 -1.68 58.98 21.85
CA VAL B 589 -1.28 57.92 20.94
C VAL B 589 -2.11 57.84 19.68
N HIS B 590 -1.43 57.69 18.55
CA HIS B 590 -2.07 57.62 17.23
C HIS B 590 -2.71 56.26 16.92
N ILE B 591 -4.00 56.28 16.61
CA ILE B 591 -4.73 55.07 16.29
C ILE B 591 -4.81 54.92 14.76
N GLY B 592 -4.84 53.69 14.27
CA GLY B 592 -4.93 53.44 12.85
C GLY B 592 -3.61 53.67 12.17
N TRP B 593 -3.51 53.30 10.91
CA TRP B 593 -2.26 53.47 10.16
C TRP B 593 -2.55 53.66 8.70
N ILE B 594 -1.62 54.32 7.99
CA ILE B 594 -1.80 54.55 6.57
C ILE B 594 -1.24 53.35 5.83
N THR B 595 -1.65 53.11 4.58
CA THR B 595 -1.18 51.92 3.87
C THR B 595 0.34 51.76 3.77
N SER B 596 0.77 50.53 3.54
CA SER B 596 2.19 50.22 3.47
C SER B 596 2.83 50.44 2.11
N ASN B 597 4.15 50.57 2.16
CA ASN B 597 5.03 50.77 1.01
C ASN B 597 6.10 49.68 0.99
N LYS B 598 5.84 48.58 1.70
CA LYS B 598 6.79 47.48 1.82
C LYS B 598 6.79 46.44 0.71
N CYS B 599 5.79 46.49 -0.17
CA CYS B 599 5.71 45.56 -1.30
C CYS B 599 5.83 46.38 -2.59
N VAL B 600 6.63 45.89 -3.54
CA VAL B 600 6.81 46.58 -4.82
C VAL B 600 7.17 45.57 -5.90
N SER B 601 8.21 45.89 -6.68
CA SER B 601 8.71 45.03 -7.75
C SER B 601 10.16 45.39 -8.15
N SER B 602 11.05 45.45 -7.15
CA SER B 602 12.48 45.74 -7.32
C SER B 602 12.97 47.16 -7.57
N HIS B 603 14.26 47.33 -7.32
CA HIS B 603 14.99 48.58 -7.55
C HIS B 603 16.44 48.42 -7.05
N HIS B 604 17.41 48.75 -7.91
CA HIS B 604 18.82 48.59 -7.57
C HIS B 604 19.69 49.83 -7.78
N HIS B 605 20.79 49.90 -7.04
CA HIS B 605 21.75 51.00 -7.11
C HIS B 605 23.04 50.59 -7.82
N HIS B 606 22.98 49.53 -8.62
CA HIS B 606 24.14 49.06 -9.36
C HIS B 606 23.72 48.75 -10.79
N HIS B 607 24.60 49.02 -11.74
CA HIS B 607 24.28 48.77 -13.14
C HIS B 607 24.44 47.30 -13.48
ZN ZN C . 5.01 -27.60 -20.33
ZN ZN D . -3.10 22.58 17.74
#